data_9MPY
#
_entry.id   9MPY
#
_cell.length_a   84.911
_cell.length_b   96.421
_cell.length_c   110.513
_cell.angle_alpha   90.000
_cell.angle_beta   90.000
_cell.angle_gamma   90.000
#
_symmetry.space_group_name_H-M   'P 21 21 21'
#
loop_
_entity.id
_entity.type
_entity.pdbx_description
1 polymer 'UPF0261 domain-containing protein'
2 non-polymer 1-(4-hydroxy-3-methoxyphenyl)ethanone
3 non-polymer 'CITRIC ACID'
4 non-polymer 'SODIUM ION'
5 water water
#
_entity_poly.entity_id   1
_entity_poly.type   'polypeptide(L)'
_entity_poly.pdbx_seq_one_letter_code
;MTDKPSVLFICTQDTKEEEARFTRAALEAAGVEVVHLDPSVRRSLGGAEISPEMVAQAGGMTIEEVRALGHEGKCQDAMI
RGAIAAAHEWDARHPVSGILAVGGSMGSALAGALMQSFPYGLPKLIVSTMASGFTKPYMGVKDIAMMNAVTDISGINTIS
RDVFRNAANAVAGMAKGYDRDKGPEKPLVLITTLGTTETSVKRIRQALESDGCEVMVFHSSGAGGPTLDGLAADKDVALV
LDLSPTEILDHLFGGLADAGPDRGRAALRKGIPTILAPGNADFIIGGPIDAAEAQFPGRRYHQHNPQLTAVRTNVADLRK
LADHLAANVREAKGPVRVFTPLKGFSSHDSETGHLLDLSVPGPFAEYLASVMPGHVPVTAVDAHFNDEAFSSAVIAAARE
MLAAKN
;
_entity_poly.pdbx_strand_id   A,B
#
loop_
_chem_comp.id
_chem_comp.type
_chem_comp.name
_chem_comp.formula
CIT non-polymer 'CITRIC ACID' 'C6 H8 O7'
I75 non-polymer 1-(4-hydroxy-3-methoxyphenyl)ethanone 'C9 H10 O3'
NA non-polymer 'SODIUM ION' 'Na 1'
#
# COMPACT_ATOMS: atom_id res chain seq x y z
N LYS A 4 6.50 -27.24 16.63
CA LYS A 4 6.62 -26.02 15.91
C LYS A 4 5.49 -25.86 14.91
N PRO A 5 4.95 -24.65 14.75
CA PRO A 5 4.00 -24.39 13.66
C PRO A 5 4.71 -24.31 12.34
N SER A 6 3.91 -24.35 11.24
CA SER A 6 4.46 -24.24 9.90
C SER A 6 3.99 -22.95 9.26
N VAL A 7 4.84 -22.41 8.42
CA VAL A 7 4.52 -21.25 7.60
C VAL A 7 4.64 -21.61 6.14
N LEU A 8 3.60 -21.30 5.35
CA LEU A 8 3.69 -21.36 3.90
C LEU A 8 4.47 -20.18 3.37
N PHE A 9 5.55 -20.48 2.63
CA PHE A 9 6.50 -19.47 2.14
C PHE A 9 6.43 -19.52 0.61
N ILE A 10 5.93 -18.45 0.01
CA ILE A 10 5.75 -18.35 -1.45
C ILE A 10 6.89 -17.52 -2.02
N CYS A 11 7.72 -18.11 -2.87
CA CYS A 11 8.85 -17.34 -3.43
C CYS A 11 9.41 -18.08 -4.63
N THR A 12 9.56 -17.37 -5.73
CA THR A 12 10.15 -17.94 -6.94
C THR A 12 11.68 -17.97 -6.82
N GLN A 13 12.31 -19.08 -7.22
N GLN A 13 12.27 -19.15 -6.95
CA GLN A 13 13.78 -19.16 -7.30
CA GLN A 13 13.72 -19.25 -6.91
C GLN A 13 14.35 -18.91 -8.69
C GLN A 13 14.41 -18.96 -8.23
N ASP A 14 13.60 -18.32 -9.61
N ASP A 14 13.71 -19.02 -9.36
CA ASP A 14 14.21 -18.11 -10.92
CA ASP A 14 14.36 -18.79 -10.63
C ASP A 14 15.22 -16.96 -10.86
C ASP A 14 14.88 -17.36 -10.74
N THR A 15 14.94 -15.91 -10.08
N THR A 15 14.44 -16.46 -9.86
CA THR A 15 15.93 -14.87 -9.81
CA THR A 15 14.88 -15.07 -9.88
C THR A 15 16.23 -14.69 -8.34
C THR A 15 15.29 -14.57 -8.50
N LYS A 16 15.27 -14.99 -7.45
N LYS A 16 14.99 -15.31 -7.45
CA LYS A 16 15.39 -14.76 -6.01
CA LYS A 16 15.29 -14.86 -6.09
C LYS A 16 15.88 -15.99 -5.25
C LYS A 16 15.85 -16.02 -5.26
N GLU A 17 16.79 -16.79 -5.82
CA GLU A 17 17.25 -17.99 -5.13
C GLU A 17 17.95 -17.64 -3.82
N GLU A 18 18.86 -16.68 -3.90
CA GLU A 18 19.58 -16.25 -2.68
C GLU A 18 18.60 -15.72 -1.63
N GLU A 19 17.64 -14.91 -2.07
CA GLU A 19 16.65 -14.36 -1.13
C GLU A 19 15.78 -15.45 -0.56
N ALA A 20 15.43 -16.44 -1.39
CA ALA A 20 14.58 -17.52 -0.92
C ALA A 20 15.28 -18.37 0.13
N ARG A 21 16.55 -18.72 -0.11
CA ARG A 21 17.25 -19.54 0.89
C ARG A 21 17.53 -18.73 2.16
N PHE A 22 17.83 -17.46 2.02
CA PHE A 22 18.06 -16.61 3.21
C PHE A 22 16.80 -16.50 4.05
N THR A 23 15.68 -16.22 3.40
CA THR A 23 14.45 -16.00 4.14
C THR A 23 13.94 -17.28 4.76
N ARG A 24 14.04 -18.40 4.05
CA ARG A 24 13.70 -19.68 4.65
C ARG A 24 14.55 -19.94 5.89
N ALA A 25 15.84 -19.70 5.81
CA ALA A 25 16.69 -19.92 6.97
C ALA A 25 16.28 -19.02 8.13
N ALA A 26 15.93 -17.77 7.85
CA ALA A 26 15.48 -16.89 8.90
C ALA A 26 14.18 -17.38 9.54
N LEU A 27 13.23 -17.87 8.75
CA LEU A 27 12.00 -18.46 9.31
C LEU A 27 12.34 -19.64 10.25
N GLU A 28 13.24 -20.53 9.80
CA GLU A 28 13.63 -21.67 10.61
C GLU A 28 14.32 -21.26 11.90
N ALA A 29 15.21 -20.26 11.84
CA ALA A 29 15.87 -19.77 13.01
C ALA A 29 14.89 -19.17 14.03
N ALA A 30 13.78 -18.66 13.54
CA ALA A 30 12.79 -18.08 14.42
C ALA A 30 11.76 -19.08 14.90
N GLY A 31 11.93 -20.36 14.58
CA GLY A 31 11.25 -21.41 15.27
C GLY A 31 10.00 -21.91 14.57
N VAL A 32 9.93 -21.80 13.26
CA VAL A 32 8.84 -22.40 12.49
C VAL A 32 9.40 -23.37 11.48
N GLU A 33 8.54 -24.33 11.07
CA GLU A 33 8.78 -25.14 9.87
C GLU A 33 8.29 -24.43 8.67
N VAL A 34 8.98 -24.64 7.56
CA VAL A 34 8.66 -23.93 6.33
C VAL A 34 8.17 -24.89 5.26
N VAL A 35 7.07 -24.49 4.59
CA VAL A 35 6.53 -25.16 3.43
C VAL A 35 6.73 -24.19 2.29
N HIS A 36 7.75 -24.43 1.46
CA HIS A 36 8.09 -23.52 0.37
C HIS A 36 7.32 -23.92 -0.88
N LEU A 37 6.44 -23.00 -1.33
CA LEU A 37 5.73 -23.13 -2.60
C LEU A 37 6.46 -22.23 -3.59
N ASP A 38 6.93 -22.81 -4.68
CA ASP A 38 7.83 -22.18 -5.63
C ASP A 38 7.13 -22.10 -6.98
N PRO A 39 6.54 -20.92 -7.34
CA PRO A 39 5.82 -20.82 -8.61
C PRO A 39 6.68 -20.30 -9.74
N SER A 40 7.94 -20.66 -9.75
CA SER A 40 8.86 -20.26 -10.80
C SER A 40 8.42 -20.81 -12.15
N VAL A 41 8.65 -20.02 -13.20
N VAL A 41 8.64 -20.03 -13.22
CA VAL A 41 8.32 -20.44 -14.57
CA VAL A 41 8.32 -20.49 -14.57
C VAL A 41 9.55 -20.77 -15.42
C VAL A 41 9.56 -20.78 -15.42
N ARG A 42 10.75 -20.45 -14.97
CA ARG A 42 11.95 -20.74 -15.76
C ARG A 42 12.64 -22.02 -15.33
N ARG A 43 12.86 -22.17 -14.03
CA ARG A 43 13.69 -23.26 -13.54
C ARG A 43 13.04 -23.86 -12.31
N SER A 44 13.55 -25.02 -11.89
CA SER A 44 12.94 -25.74 -10.75
C SER A 44 14.08 -26.20 -9.88
N LEU A 45 14.43 -25.39 -8.88
CA LEU A 45 15.62 -25.66 -8.12
C LEU A 45 15.26 -26.48 -6.86
N GLY A 46 16.26 -27.10 -6.31
CA GLY A 46 16.00 -28.04 -5.22
C GLY A 46 15.53 -27.38 -3.95
N GLY A 47 14.75 -28.13 -3.18
CA GLY A 47 14.40 -27.69 -1.84
C GLY A 47 13.02 -27.21 -1.63
N ALA A 48 12.20 -27.10 -2.66
CA ALA A 48 10.84 -26.61 -2.46
C ALA A 48 9.91 -27.80 -2.16
N GLU A 49 9.18 -27.70 -1.07
CA GLU A 49 8.10 -28.61 -0.77
C GLU A 49 7.11 -28.76 -1.91
N ILE A 50 6.66 -27.63 -2.49
CA ILE A 50 5.69 -27.57 -3.60
C ILE A 50 6.45 -26.96 -4.77
N SER A 51 6.95 -27.83 -5.65
CA SER A 51 7.79 -27.46 -6.75
C SER A 51 7.00 -26.71 -7.83
N PRO A 52 7.70 -26.05 -8.77
CA PRO A 52 6.98 -25.41 -9.89
C PRO A 52 6.20 -26.41 -10.69
N GLU A 53 6.75 -27.60 -10.86
CA GLU A 53 6.04 -28.63 -11.60
C GLU A 53 4.73 -28.96 -10.92
N MET A 54 4.74 -29.05 -9.58
CA MET A 54 3.51 -29.31 -8.81
C MET A 54 2.54 -28.13 -8.91
N VAL A 55 3.06 -26.93 -8.84
CA VAL A 55 2.17 -25.77 -8.99
C VAL A 55 1.45 -25.86 -10.33
N ALA A 56 2.19 -26.11 -11.38
CA ALA A 56 1.53 -26.24 -12.69
C ALA A 56 0.53 -27.39 -12.74
N GLN A 57 0.95 -28.60 -12.32
CA GLN A 57 0.08 -29.73 -12.52
C GLN A 57 -1.11 -29.73 -11.58
N ALA A 58 -0.99 -29.17 -10.38
CA ALA A 58 -2.11 -29.11 -9.44
C ALA A 58 -3.24 -28.32 -10.03
N GLY A 59 -2.93 -27.46 -11.01
CA GLY A 59 -3.96 -26.73 -11.72
C GLY A 59 -4.39 -27.33 -13.02
N GLY A 60 -3.74 -28.41 -13.47
CA GLY A 60 -4.14 -29.13 -14.66
C GLY A 60 -3.28 -28.94 -15.88
N MET A 61 -2.07 -28.35 -15.77
CA MET A 61 -1.16 -28.16 -16.89
C MET A 61 0.24 -28.62 -16.49
N THR A 62 1.00 -29.13 -17.46
CA THR A 62 2.40 -29.35 -17.17
C THR A 62 3.14 -28.01 -17.14
N ILE A 63 4.31 -27.99 -16.50
CA ILE A 63 5.07 -26.74 -16.48
C ILE A 63 5.52 -26.39 -17.90
N GLU A 64 5.80 -27.39 -18.73
CA GLU A 64 6.18 -27.07 -20.11
C GLU A 64 5.02 -26.42 -20.84
N GLU A 65 3.78 -26.86 -20.57
CA GLU A 65 2.63 -26.22 -21.21
C GLU A 65 2.46 -24.77 -20.74
N VAL A 66 2.60 -24.54 -19.45
CA VAL A 66 2.52 -23.16 -18.91
C VAL A 66 3.57 -22.27 -19.53
N ARG A 67 4.80 -22.80 -19.64
CA ARG A 67 5.91 -21.96 -20.18
C ARG A 67 5.65 -21.54 -21.60
N ALA A 68 5.04 -22.41 -22.40
CA ALA A 68 4.80 -22.18 -23.81
C ALA A 68 3.63 -21.25 -24.09
N LEU A 69 2.83 -20.87 -23.05
CA LEU A 69 1.72 -19.95 -23.31
C LEU A 69 2.24 -18.63 -23.89
N GLY A 70 3.38 -18.15 -23.34
CA GLY A 70 3.94 -16.93 -23.95
C GLY A 70 3.16 -15.69 -23.62
N HIS A 71 2.23 -15.77 -22.67
CA HIS A 71 1.11 -14.84 -22.55
C HIS A 71 0.98 -14.50 -21.08
N GLU A 72 1.07 -13.22 -20.72
CA GLU A 72 1.22 -12.85 -19.28
C GLU A 72 0.02 -13.31 -18.47
N GLY A 73 -1.19 -13.02 -18.97
CA GLY A 73 -2.39 -13.32 -18.22
C GLY A 73 -2.69 -14.79 -18.13
N LYS A 74 -2.47 -15.53 -19.23
CA LYS A 74 -2.74 -16.97 -19.19
C LYS A 74 -1.74 -17.70 -18.32
N CYS A 75 -0.46 -17.28 -18.37
CA CYS A 75 0.53 -17.87 -17.50
C CYS A 75 0.22 -17.59 -16.03
N GLN A 76 -0.08 -16.34 -15.70
CA GLN A 76 -0.36 -16.00 -14.31
C GLN A 76 -1.58 -16.77 -13.84
N ASP A 77 -2.65 -16.82 -14.66
CA ASP A 77 -3.89 -17.52 -14.23
C ASP A 77 -3.60 -19.00 -13.95
N ALA A 78 -2.76 -19.64 -14.80
CA ALA A 78 -2.41 -21.05 -14.59
C ALA A 78 -1.65 -21.24 -13.29
N MET A 79 -0.67 -20.38 -13.04
CA MET A 79 0.09 -20.57 -11.81
C MET A 79 -0.70 -20.19 -10.59
N ILE A 80 -1.61 -19.23 -10.68
CA ILE A 80 -2.49 -18.95 -9.53
C ILE A 80 -3.40 -20.15 -9.28
N ARG A 81 -4.08 -20.68 -10.31
CA ARG A 81 -4.96 -21.83 -10.10
C ARG A 81 -4.18 -22.95 -9.45
N GLY A 82 -2.97 -23.21 -9.93
CA GLY A 82 -2.21 -24.33 -9.40
C GLY A 82 -1.69 -24.07 -8.01
N ALA A 83 -1.18 -22.88 -7.77
CA ALA A 83 -0.62 -22.58 -6.44
C ALA A 83 -1.68 -22.66 -5.37
N ILE A 84 -2.87 -22.12 -5.67
CA ILE A 84 -4.01 -22.21 -4.73
C ILE A 84 -4.44 -23.65 -4.50
N ALA A 85 -4.59 -24.46 -5.56
CA ALA A 85 -4.98 -25.85 -5.38
C ALA A 85 -3.93 -26.58 -4.54
N ALA A 86 -2.65 -26.39 -4.85
CA ALA A 86 -1.61 -27.16 -4.16
C ALA A 86 -1.50 -26.74 -2.69
N ALA A 87 -1.63 -25.42 -2.44
CA ALA A 87 -1.53 -24.91 -1.09
C ALA A 87 -2.67 -25.43 -0.23
N HIS A 88 -3.90 -25.48 -0.76
CA HIS A 88 -4.99 -25.98 0.05
C HIS A 88 -4.93 -27.48 0.22
N GLU A 89 -4.43 -28.21 -0.78
CA GLU A 89 -4.22 -29.66 -0.64
C GLU A 89 -3.20 -29.98 0.47
N TRP A 90 -2.11 -29.21 0.52
CA TRP A 90 -1.13 -29.38 1.59
C TRP A 90 -1.76 -29.08 2.93
N ASP A 91 -2.43 -27.91 3.01
CA ASP A 91 -3.00 -27.43 4.26
C ASP A 91 -4.07 -28.36 4.78
N ALA A 92 -4.80 -29.03 3.89
CA ALA A 92 -5.86 -29.97 4.29
C ALA A 92 -5.37 -30.96 5.32
N ARG A 93 -4.18 -31.56 5.09
CA ARG A 93 -3.67 -32.54 6.02
C ARG A 93 -2.60 -32.03 6.95
N HIS A 94 -1.97 -30.89 6.60
CA HIS A 94 -0.83 -30.35 7.35
C HIS A 94 -1.05 -28.87 7.56
N PRO A 95 -1.90 -28.47 8.47
CA PRO A 95 -2.36 -27.06 8.47
C PRO A 95 -1.25 -26.08 8.81
N VAL A 96 -1.22 -24.96 8.06
CA VAL A 96 -0.24 -23.93 8.28
C VAL A 96 -0.77 -22.93 9.31
N SER A 97 0.15 -22.19 9.90
CA SER A 97 -0.19 -21.13 10.85
C SER A 97 0.19 -19.71 10.38
N GLY A 98 0.59 -19.56 9.13
CA GLY A 98 0.90 -18.25 8.55
C GLY A 98 1.37 -18.44 7.13
N ILE A 99 1.33 -17.34 6.38
CA ILE A 99 1.75 -17.30 4.97
C ILE A 99 2.64 -16.09 4.79
N LEU A 100 3.83 -16.30 4.24
CA LEU A 100 4.77 -15.25 3.87
C LEU A 100 5.04 -15.37 2.39
N ALA A 101 5.02 -14.27 1.65
CA ALA A 101 5.36 -14.29 0.25
C ALA A 101 6.39 -13.21 -0.03
N VAL A 102 7.27 -13.49 -0.99
CA VAL A 102 8.32 -12.57 -1.42
C VAL A 102 8.27 -12.59 -2.94
N GLY A 103 8.00 -11.45 -3.56
CA GLY A 103 7.89 -11.53 -5.03
C GLY A 103 7.77 -10.17 -5.67
N GLY A 104 7.91 -10.16 -7.01
CA GLY A 104 7.70 -8.97 -7.82
C GLY A 104 6.23 -8.78 -8.14
N SER A 105 5.96 -8.07 -9.23
CA SER A 105 4.58 -7.71 -9.54
C SER A 105 3.70 -8.94 -9.68
N MET A 106 4.18 -9.95 -10.38
CA MET A 106 3.33 -11.12 -10.59
C MET A 106 3.29 -12.04 -9.37
N GLY A 107 4.44 -12.26 -8.74
CA GLY A 107 4.45 -13.09 -7.55
C GLY A 107 3.61 -12.50 -6.42
N SER A 108 3.70 -11.18 -6.21
CA SER A 108 2.90 -10.53 -5.17
C SER A 108 1.41 -10.68 -5.46
N ALA A 109 1.00 -10.50 -6.71
CA ALA A 109 -0.41 -10.66 -7.05
C ALA A 109 -0.91 -12.09 -6.91
N LEU A 110 -0.09 -13.08 -7.25
CA LEU A 110 -0.44 -14.47 -6.99
C LEU A 110 -0.59 -14.73 -5.51
N ALA A 111 0.32 -14.16 -4.72
CA ALA A 111 0.26 -14.37 -3.27
C ALA A 111 -1.00 -13.77 -2.70
N GLY A 112 -1.37 -12.59 -3.16
CA GLY A 112 -2.57 -11.94 -2.71
C GLY A 112 -3.81 -12.78 -2.98
N ALA A 113 -3.95 -13.28 -4.17
CA ALA A 113 -5.08 -14.13 -4.49
C ALA A 113 -5.09 -15.38 -3.61
N LEU A 114 -3.95 -16.00 -3.44
CA LEU A 114 -3.91 -17.20 -2.61
C LEU A 114 -4.28 -16.86 -1.15
N MET A 115 -3.73 -15.78 -0.63
CA MET A 115 -4.04 -15.39 0.75
C MET A 115 -5.51 -15.06 0.96
N GLN A 116 -6.16 -14.51 -0.06
CA GLN A 116 -7.59 -14.22 0.01
C GLN A 116 -8.47 -15.47 0.11
N SER A 117 -7.91 -16.65 -0.18
CA SER A 117 -8.65 -17.90 -0.10
C SER A 117 -8.37 -18.65 1.21
N PHE A 118 -7.64 -18.06 2.14
CA PHE A 118 -7.39 -18.58 3.47
C PHE A 118 -8.11 -17.71 4.49
N PRO A 119 -8.41 -18.28 5.65
CA PRO A 119 -9.28 -17.60 6.60
C PRO A 119 -8.79 -16.26 7.10
N TYR A 120 -9.74 -15.37 7.34
CA TYR A 120 -9.51 -14.08 7.94
C TYR A 120 -8.80 -14.27 9.27
N GLY A 121 -7.72 -13.50 9.46
CA GLY A 121 -6.98 -13.56 10.70
C GLY A 121 -5.79 -14.49 10.69
N LEU A 122 -5.70 -15.41 9.75
CA LEU A 122 -4.50 -16.22 9.62
C LEU A 122 -3.39 -15.27 9.24
N PRO A 123 -2.24 -15.32 9.89
CA PRO A 123 -1.19 -14.36 9.55
C PRO A 123 -0.81 -14.42 8.08
N LYS A 124 -0.71 -13.22 7.46
CA LYS A 124 -0.48 -13.09 6.03
C LYS A 124 0.39 -11.86 5.80
N LEU A 125 1.53 -12.04 5.13
N LEU A 125 1.52 -12.03 5.12
CA LEU A 125 2.43 -10.94 4.85
CA LEU A 125 2.42 -10.92 4.85
C LEU A 125 3.00 -11.10 3.46
C LEU A 125 3.01 -11.09 3.47
N ILE A 126 2.84 -10.06 2.63
CA ILE A 126 3.47 -10.02 1.31
C ILE A 126 4.62 -9.02 1.36
N VAL A 127 5.82 -9.49 1.01
CA VAL A 127 6.97 -8.61 0.80
C VAL A 127 7.10 -8.44 -0.72
N SER A 128 6.72 -7.28 -1.22
N SER A 128 6.76 -7.28 -1.21
CA SER A 128 6.89 -6.96 -2.65
CA SER A 128 6.92 -6.96 -2.63
C SER A 128 8.28 -6.42 -2.94
C SER A 128 8.29 -6.40 -2.95
N THR A 129 8.74 -6.68 -4.18
CA THR A 129 10.06 -6.31 -4.65
C THR A 129 9.99 -5.43 -5.90
N MET A 130 8.82 -4.95 -6.25
CA MET A 130 8.76 -3.99 -7.34
C MET A 130 8.78 -2.55 -6.84
N ALA A 131 9.24 -1.66 -7.70
N ALA A 131 9.25 -1.65 -7.70
CA ALA A 131 9.38 -0.26 -7.30
CA ALA A 131 9.42 -0.26 -7.28
C ALA A 131 8.05 0.45 -7.09
C ALA A 131 8.10 0.46 -7.03
N SER A 132 6.97 -0.03 -7.68
N SER A 132 7.00 -0.02 -7.60
CA SER A 132 5.68 0.63 -7.54
CA SER A 132 5.72 0.67 -7.46
C SER A 132 5.14 0.58 -6.11
C SER A 132 5.15 0.59 -6.05
N GLY A 133 5.67 -0.31 -5.27
N GLY A 133 5.68 -0.28 -5.19
CA GLY A 133 5.23 -0.34 -3.89
CA GLY A 133 5.24 -0.33 -3.82
C GLY A 133 4.54 -1.64 -3.52
C GLY A 133 4.56 -1.63 -3.46
N PHE A 134 3.29 -1.56 -3.08
CA PHE A 134 2.52 -2.75 -2.75
C PHE A 134 1.62 -3.23 -3.88
N THR A 135 1.35 -4.54 -3.92
N THR A 135 1.33 -4.53 -3.89
CA THR A 135 0.30 -5.06 -4.79
CA THR A 135 0.29 -5.06 -4.76
C THR A 135 -1.07 -4.67 -4.23
C THR A 135 -1.08 -4.65 -4.22
N LYS A 136 -2.09 -4.69 -5.11
CA LYS A 136 -3.47 -4.31 -4.77
C LYS A 136 -4.38 -5.54 -4.81
N PRO A 137 -4.60 -6.20 -3.69
CA PRO A 137 -5.41 -7.43 -3.71
C PRO A 137 -6.80 -7.07 -4.15
N TYR A 138 -7.46 -8.03 -4.79
CA TYR A 138 -8.79 -7.77 -5.36
C TYR A 138 -9.76 -7.31 -4.29
N MET A 139 -10.33 -6.13 -4.54
CA MET A 139 -11.34 -5.46 -3.74
C MET A 139 -10.83 -5.07 -2.36
N GLY A 140 -9.51 -5.00 -2.18
CA GLY A 140 -9.00 -4.42 -0.92
C GLY A 140 -8.03 -5.33 -0.18
N VAL A 141 -7.18 -4.73 0.67
CA VAL A 141 -6.16 -5.53 1.35
C VAL A 141 -6.76 -6.41 2.42
N LYS A 142 -7.86 -6.00 3.05
CA LYS A 142 -8.45 -6.73 4.18
C LYS A 142 -7.35 -7.03 5.20
N ASP A 143 -7.06 -8.30 5.51
CA ASP A 143 -6.17 -8.66 6.58
C ASP A 143 -4.76 -8.99 6.09
N ILE A 144 -4.40 -8.67 4.84
CA ILE A 144 -3.05 -8.99 4.37
C ILE A 144 -2.10 -7.86 4.75
N ALA A 145 -1.03 -8.18 5.41
CA ALA A 145 0.02 -7.24 5.77
C ALA A 145 0.99 -7.11 4.60
N MET A 146 1.52 -5.90 4.44
N MET A 146 1.54 -5.91 4.44
CA MET A 146 2.39 -5.52 3.33
CA MET A 146 2.39 -5.62 3.30
C MET A 146 3.71 -4.91 3.74
C MET A 146 3.65 -4.88 3.67
N MET A 147 4.77 -5.32 3.05
N MET A 147 4.73 -5.21 2.95
CA MET A 147 6.08 -4.69 3.14
CA MET A 147 6.03 -4.61 3.15
C MET A 147 6.64 -4.57 1.74
C MET A 147 6.75 -4.66 1.82
N ASN A 148 7.63 -3.69 1.59
CA ASN A 148 8.35 -3.55 0.33
C ASN A 148 9.85 -3.60 0.60
N ALA A 149 10.58 -4.46 -0.16
CA ALA A 149 12.01 -4.67 0.14
C ALA A 149 12.94 -3.96 -0.80
N VAL A 150 12.44 -3.10 -1.69
CA VAL A 150 13.32 -2.46 -2.64
C VAL A 150 14.10 -1.38 -1.90
N THR A 151 15.40 -1.28 -2.21
CA THR A 151 16.24 -0.22 -1.69
C THR A 151 17.33 0.05 -2.71
N ASP A 152 17.83 1.29 -2.72
CA ASP A 152 18.94 1.64 -3.57
C ASP A 152 20.26 1.67 -2.83
N ILE A 153 20.27 1.38 -1.52
CA ILE A 153 21.51 1.50 -0.76
C ILE A 153 22.50 0.42 -1.20
N SER A 154 23.73 0.85 -1.50
CA SER A 154 24.85 0.06 -2.04
C SER A 154 24.64 -0.40 -3.48
N GLY A 155 23.52 -0.04 -4.11
CA GLY A 155 23.23 -0.43 -5.47
C GLY A 155 21.76 -0.30 -5.81
N ILE A 156 21.49 0.30 -6.97
CA ILE A 156 20.12 0.61 -7.35
C ILE A 156 19.31 -0.67 -7.54
N ASN A 157 18.04 -0.62 -7.12
CA ASN A 157 17.14 -1.76 -7.22
C ASN A 157 17.73 -2.96 -6.47
N THR A 158 18.30 -2.68 -5.32
CA THR A 158 18.62 -3.74 -4.40
C THR A 158 17.33 -4.23 -3.71
N ILE A 159 17.39 -5.44 -3.18
CA ILE A 159 16.33 -5.89 -2.28
C ILE A 159 16.98 -6.36 -0.98
N SER A 160 16.48 -5.84 0.13
CA SER A 160 17.24 -5.76 1.35
C SER A 160 17.08 -6.99 2.23
N ARG A 161 18.22 -7.52 2.70
CA ARG A 161 18.22 -8.61 3.68
C ARG A 161 17.63 -8.17 5.02
N ASP A 162 17.75 -6.91 5.36
CA ASP A 162 17.14 -6.42 6.59
C ASP A 162 15.63 -6.55 6.52
N VAL A 163 15.01 -6.21 5.39
CA VAL A 163 13.58 -6.36 5.27
C VAL A 163 13.18 -7.82 5.25
N PHE A 164 13.93 -8.67 4.54
CA PHE A 164 13.55 -10.08 4.51
C PHE A 164 13.64 -10.69 5.89
N ARG A 165 14.67 -10.33 6.64
CA ARG A 165 14.82 -10.88 8.00
C ARG A 165 13.69 -10.36 8.88
N ASN A 166 13.36 -9.06 8.79
CA ASN A 166 12.23 -8.56 9.57
C ASN A 166 10.97 -9.32 9.20
N ALA A 167 10.75 -9.55 7.88
CA ALA A 167 9.51 -10.21 7.42
C ALA A 167 9.42 -11.61 7.99
N ALA A 168 10.54 -12.34 7.99
CA ALA A 168 10.53 -13.71 8.52
C ALA A 168 10.26 -13.69 10.01
N ASN A 169 10.92 -12.77 10.72
CA ASN A 169 10.73 -12.71 12.15
C ASN A 169 9.28 -12.33 12.48
N ALA A 170 8.69 -11.43 11.69
CA ALA A 170 7.31 -11.02 11.90
C ALA A 170 6.36 -12.19 11.71
N VAL A 171 6.47 -12.89 10.58
CA VAL A 171 5.50 -13.97 10.31
C VAL A 171 5.73 -15.11 11.28
N ALA A 172 6.98 -15.42 11.62
CA ALA A 172 7.19 -16.46 12.64
C ALA A 172 6.53 -16.07 13.98
N GLY A 173 6.71 -14.82 14.41
CA GLY A 173 6.09 -14.36 15.63
C GLY A 173 4.59 -14.48 15.57
N MET A 174 4.01 -14.06 14.43
CA MET A 174 2.56 -14.18 14.31
C MET A 174 2.10 -15.64 14.33
N ALA A 175 2.84 -16.49 13.62
CA ALA A 175 2.44 -17.88 13.54
C ALA A 175 2.53 -18.59 14.89
N LYS A 176 3.56 -18.30 15.67
CA LYS A 176 3.73 -18.89 17.01
C LYS A 176 2.67 -18.41 17.96
N GLY A 177 2.06 -17.25 17.70
CA GLY A 177 0.99 -16.76 18.54
C GLY A 177 -0.42 -17.02 18.04
N TYR A 178 -0.59 -17.72 16.93
CA TYR A 178 -1.85 -17.88 16.28
C TYR A 178 -2.60 -19.10 16.80
N ASP A 179 -3.88 -18.91 17.13
CA ASP A 179 -4.78 -19.99 17.59
C ASP A 179 -5.98 -20.00 16.66
N ARG A 180 -6.00 -20.96 15.74
CA ARG A 180 -7.04 -20.97 14.71
C ARG A 180 -8.45 -21.20 15.28
N ASP A 181 -8.54 -21.78 16.47
CA ASP A 181 -9.81 -22.07 17.15
C ASP A 181 -10.30 -20.94 18.04
N LYS A 182 -9.57 -19.85 18.13
CA LYS A 182 -10.00 -18.74 18.96
C LYS A 182 -11.19 -18.03 18.31
N GLY A 183 -12.00 -17.40 19.16
CA GLY A 183 -13.13 -16.63 18.69
C GLY A 183 -14.23 -17.51 18.17
N PRO A 184 -15.35 -16.91 17.79
CA PRO A 184 -16.48 -17.69 17.31
C PRO A 184 -16.25 -18.18 15.88
N GLU A 185 -16.98 -19.25 15.54
CA GLU A 185 -17.04 -19.69 14.16
C GLU A 185 -17.72 -18.61 13.32
N LYS A 186 -17.21 -18.41 12.09
CA LYS A 186 -17.86 -17.53 11.16
C LYS A 186 -18.37 -18.35 9.99
N PRO A 187 -19.68 -18.40 9.72
CA PRO A 187 -20.15 -19.11 8.52
C PRO A 187 -19.44 -18.58 7.30
N LEU A 188 -18.98 -19.46 6.41
CA LEU A 188 -18.19 -19.08 5.27
C LEU A 188 -19.06 -18.93 4.01
N VAL A 189 -19.02 -17.75 3.40
CA VAL A 189 -19.76 -17.44 2.17
C VAL A 189 -18.78 -17.08 1.06
N LEU A 190 -18.95 -17.67 -0.12
CA LEU A 190 -18.07 -17.45 -1.25
C LEU A 190 -18.85 -16.77 -2.36
N ILE A 191 -18.24 -15.76 -2.98
CA ILE A 191 -18.89 -14.99 -4.05
C ILE A 191 -17.99 -14.80 -5.26
N THR A 192 -18.56 -14.93 -6.46
CA THR A 192 -17.85 -14.55 -7.70
C THR A 192 -18.35 -13.21 -8.26
N THR A 193 -17.43 -12.45 -8.84
CA THR A 193 -17.74 -11.13 -9.40
C THR A 193 -16.68 -10.73 -10.43
N LEU A 194 -17.04 -9.73 -11.24
CA LEU A 194 -16.09 -8.92 -12.00
C LEU A 194 -16.22 -7.49 -11.50
N GLY A 195 -15.33 -6.63 -11.97
CA GLY A 195 -15.44 -5.24 -11.58
C GLY A 195 -16.75 -4.61 -11.88
N THR A 196 -17.41 -5.07 -12.94
CA THR A 196 -18.66 -4.49 -13.44
C THR A 196 -19.88 -4.95 -12.66
N THR A 197 -19.73 -5.83 -11.65
CA THR A 197 -20.80 -6.21 -10.72
C THR A 197 -20.40 -5.91 -9.27
N GLU A 198 -19.28 -5.18 -9.06
CA GLU A 198 -18.81 -4.95 -7.71
C GLU A 198 -19.78 -4.09 -6.91
N THR A 199 -20.55 -3.20 -7.55
CA THR A 199 -21.40 -2.31 -6.76
C THR A 199 -22.38 -3.13 -5.89
N SER A 200 -23.11 -4.06 -6.50
CA SER A 200 -23.98 -4.93 -5.69
C SER A 200 -23.24 -5.95 -4.86
N VAL A 201 -22.13 -6.51 -5.35
CA VAL A 201 -21.43 -7.51 -4.55
C VAL A 201 -20.90 -6.89 -3.26
N LYS A 202 -20.45 -5.65 -3.30
CA LYS A 202 -20.01 -4.97 -2.06
C LYS A 202 -21.12 -4.88 -1.05
N ARG A 203 -22.32 -4.56 -1.48
CA ARG A 203 -23.43 -4.48 -0.54
C ARG A 203 -23.71 -5.86 0.07
N ILE A 204 -23.75 -6.88 -0.80
CA ILE A 204 -24.00 -8.26 -0.35
C ILE A 204 -22.97 -8.70 0.68
N ARG A 205 -21.70 -8.46 0.39
CA ARG A 205 -20.60 -8.81 1.30
C ARG A 205 -20.77 -8.12 2.63
N GLN A 206 -21.07 -6.83 2.58
CA GLN A 206 -21.16 -6.05 3.81
C GLN A 206 -22.31 -6.51 4.69
N ALA A 207 -23.45 -6.82 4.08
CA ALA A 207 -24.61 -7.27 4.85
C ALA A 207 -24.33 -8.61 5.52
N LEU A 208 -23.76 -9.54 4.79
CA LEU A 208 -23.51 -10.84 5.41
C LEU A 208 -22.34 -10.82 6.38
N GLU A 209 -21.30 -10.03 6.08
CA GLU A 209 -20.24 -9.88 7.11
C GLU A 209 -20.83 -9.29 8.40
N SER A 210 -21.74 -8.31 8.29
N SER A 210 -21.72 -8.29 8.27
CA SER A 210 -22.23 -7.69 9.50
CA SER A 210 -22.30 -7.67 9.44
C SER A 210 -23.10 -8.65 10.33
C SER A 210 -23.02 -8.70 10.32
N ASP A 211 -23.62 -9.71 9.69
CA ASP A 211 -24.36 -10.77 10.37
C ASP A 211 -23.40 -11.71 11.10
N GLY A 212 -22.11 -11.63 10.84
CA GLY A 212 -21.12 -12.50 11.43
C GLY A 212 -20.50 -13.51 10.47
N CYS A 213 -20.80 -13.45 9.17
CA CYS A 213 -20.23 -14.34 8.21
C CYS A 213 -18.84 -13.88 7.82
N GLU A 214 -17.99 -14.83 7.43
CA GLU A 214 -16.78 -14.55 6.70
C GLU A 214 -17.14 -14.67 5.23
N VAL A 215 -16.86 -13.62 4.46
CA VAL A 215 -17.13 -13.62 3.02
C VAL A 215 -15.82 -13.56 2.24
N MET A 216 -15.63 -14.50 1.31
CA MET A 216 -14.51 -14.42 0.37
C MET A 216 -15.05 -14.08 -1.00
N VAL A 217 -14.37 -13.18 -1.70
CA VAL A 217 -14.85 -12.75 -3.01
C VAL A 217 -13.74 -13.01 -4.02
N PHE A 218 -14.11 -13.58 -5.15
CA PHE A 218 -13.18 -14.03 -6.17
C PHE A 218 -13.49 -13.35 -7.48
N HIS A 219 -12.44 -12.87 -8.14
CA HIS A 219 -12.56 -12.27 -9.46
C HIS A 219 -12.75 -13.38 -10.48
N SER A 220 -13.86 -13.37 -11.20
CA SER A 220 -14.22 -14.49 -12.08
C SER A 220 -13.62 -14.30 -13.48
N SER A 221 -12.29 -14.20 -13.53
CA SER A 221 -11.60 -13.88 -14.76
C SER A 221 -10.68 -15.01 -15.22
N GLY A 222 -10.82 -16.21 -14.64
CA GLY A 222 -9.98 -17.30 -15.13
C GLY A 222 -9.44 -18.15 -13.98
N ALA A 223 -9.10 -17.51 -12.83
CA ALA A 223 -8.69 -18.26 -11.64
C ALA A 223 -9.64 -18.21 -10.47
N GLY A 224 -10.43 -17.15 -10.36
CA GLY A 224 -11.31 -16.96 -9.19
C GLY A 224 -12.39 -18.01 -9.08
N GLY A 225 -13.09 -18.29 -10.15
CA GLY A 225 -14.12 -19.30 -10.09
C GLY A 225 -13.53 -20.63 -9.67
N PRO A 226 -12.43 -21.06 -10.29
CA PRO A 226 -11.81 -22.29 -9.84
C PRO A 226 -11.41 -22.27 -8.36
N THR A 227 -11.04 -21.12 -7.80
CA THR A 227 -10.73 -21.09 -6.36
C THR A 227 -11.99 -21.37 -5.56
N LEU A 228 -13.08 -20.72 -5.92
CA LEU A 228 -14.36 -20.98 -5.24
C LEU A 228 -14.70 -22.46 -5.32
N ASP A 229 -14.57 -23.05 -6.53
CA ASP A 229 -14.90 -24.46 -6.69
C ASP A 229 -14.05 -25.37 -5.80
N GLY A 230 -12.75 -25.05 -5.67
CA GLY A 230 -11.89 -25.88 -4.84
C GLY A 230 -12.34 -25.84 -3.39
N LEU A 231 -12.62 -24.63 -2.89
CA LEU A 231 -13.06 -24.48 -1.50
C LEU A 231 -14.39 -25.19 -1.29
N ALA A 232 -15.33 -25.05 -2.25
CA ALA A 232 -16.64 -25.66 -2.08
C ALA A 232 -16.55 -27.16 -2.04
N ALA A 233 -15.60 -27.74 -2.78
CA ALA A 233 -15.51 -29.18 -2.79
C ALA A 233 -14.97 -29.71 -1.47
N ASP A 234 -14.10 -28.95 -0.80
CA ASP A 234 -13.23 -29.52 0.22
C ASP A 234 -13.35 -28.89 1.59
N LYS A 235 -13.96 -27.71 1.70
CA LYS A 235 -14.03 -26.99 3.01
C LYS A 235 -15.46 -26.85 3.49
N ASP A 236 -15.61 -26.44 4.75
N ASP A 236 -15.61 -26.47 4.76
CA ASP A 236 -16.92 -26.25 5.35
CA ASP A 236 -16.93 -26.24 5.34
C ASP A 236 -17.46 -24.88 4.92
C ASP A 236 -17.40 -24.87 4.87
N VAL A 237 -18.27 -24.88 3.87
CA VAL A 237 -18.80 -23.67 3.27
C VAL A 237 -20.29 -23.58 3.58
N ALA A 238 -20.73 -22.46 4.08
CA ALA A 238 -22.13 -22.28 4.43
C ALA A 238 -23.01 -21.89 3.26
N LEU A 239 -22.48 -21.14 2.31
CA LEU A 239 -23.28 -20.61 1.21
C LEU A 239 -22.37 -20.19 0.08
N VAL A 240 -22.77 -20.53 -1.15
CA VAL A 240 -22.11 -20.03 -2.36
C VAL A 240 -23.04 -19.08 -3.10
N LEU A 241 -22.55 -17.89 -3.38
CA LEU A 241 -23.23 -16.89 -4.22
C LEU A 241 -22.44 -16.81 -5.53
N ASP A 242 -22.79 -17.66 -6.49
CA ASP A 242 -22.06 -17.74 -7.74
C ASP A 242 -22.79 -16.79 -8.68
N LEU A 243 -22.44 -15.52 -8.50
CA LEU A 243 -23.22 -14.46 -9.11
C LEU A 243 -22.64 -13.98 -10.43
N SER A 244 -21.49 -14.53 -10.85
CA SER A 244 -20.80 -14.08 -12.06
C SER A 244 -20.25 -15.29 -12.82
N PRO A 245 -21.00 -15.84 -13.77
CA PRO A 245 -20.59 -17.05 -14.48
C PRO A 245 -19.71 -16.76 -15.70
N THR A 246 -18.92 -15.68 -15.62
CA THR A 246 -18.00 -15.31 -16.72
C THR A 246 -17.21 -16.50 -17.22
N GLU A 247 -16.66 -17.28 -16.32
CA GLU A 247 -15.80 -18.37 -16.74
C GLU A 247 -16.58 -19.48 -17.47
N ILE A 248 -17.86 -19.67 -17.15
CA ILE A 248 -18.70 -20.61 -17.89
C ILE A 248 -19.03 -20.05 -19.27
N LEU A 249 -19.41 -18.77 -19.31
CA LEU A 249 -19.76 -18.15 -20.59
C LEU A 249 -18.54 -18.14 -21.52
N ASP A 250 -17.37 -17.79 -20.98
CA ASP A 250 -16.17 -17.83 -21.81
C ASP A 250 -15.79 -19.25 -22.20
N HIS A 251 -16.06 -20.25 -21.37
CA HIS A 251 -15.81 -21.63 -21.82
C HIS A 251 -16.70 -21.98 -23.03
N LEU A 252 -17.96 -21.56 -22.99
CA LEU A 252 -18.90 -21.87 -24.08
C LEU A 252 -18.47 -21.25 -25.41
N PHE A 253 -17.80 -20.10 -25.40
CA PHE A 253 -17.53 -19.35 -26.59
C PHE A 253 -16.04 -19.13 -26.85
N GLY A 254 -15.17 -19.71 -26.03
CA GLY A 254 -13.73 -19.60 -26.25
C GLY A 254 -13.16 -18.28 -25.85
N GLY A 255 -13.75 -17.64 -24.83
CA GLY A 255 -13.24 -16.39 -24.34
C GLY A 255 -12.05 -16.56 -23.38
N LEU A 256 -11.47 -15.41 -23.01
CA LEU A 256 -10.20 -15.47 -22.26
C LEU A 256 -10.31 -15.98 -20.83
N ALA A 257 -11.49 -15.96 -20.19
CA ALA A 257 -11.64 -16.46 -18.82
C ALA A 257 -11.96 -17.93 -18.76
N ASP A 258 -11.89 -18.65 -19.89
CA ASP A 258 -12.16 -20.09 -19.91
C ASP A 258 -11.28 -20.85 -18.91
N ALA A 259 -11.94 -21.52 -17.97
CA ALA A 259 -11.26 -22.34 -16.98
C ALA A 259 -11.75 -23.79 -17.02
N GLY A 260 -12.31 -24.21 -18.15
CA GLY A 260 -12.68 -25.60 -18.38
C GLY A 260 -14.14 -25.84 -18.09
N PRO A 261 -14.58 -27.09 -18.26
CA PRO A 261 -16.02 -27.37 -18.28
C PRO A 261 -16.65 -27.50 -16.90
N ASP A 262 -15.87 -27.70 -15.84
CA ASP A 262 -16.45 -27.98 -14.55
C ASP A 262 -16.69 -26.77 -13.69
N ARG A 263 -16.37 -25.58 -14.15
CA ARG A 263 -16.64 -24.36 -13.38
C ARG A 263 -18.08 -24.28 -12.89
N GLY A 264 -18.26 -24.11 -11.59
CA GLY A 264 -19.57 -23.89 -11.02
C GLY A 264 -20.24 -25.17 -10.56
N ARG A 265 -19.67 -26.33 -10.84
CA ARG A 265 -20.33 -27.57 -10.47
C ARG A 265 -20.04 -28.01 -9.05
N ALA A 266 -18.90 -27.67 -8.48
CA ALA A 266 -18.50 -28.29 -7.23
C ALA A 266 -19.50 -28.03 -6.11
N ALA A 267 -19.95 -26.76 -5.95
CA ALA A 267 -20.84 -26.44 -4.84
C ALA A 267 -22.15 -27.21 -4.96
N LEU A 268 -22.65 -27.34 -6.20
CA LEU A 268 -23.89 -28.06 -6.44
C LEU A 268 -23.74 -29.55 -6.19
N ARG A 269 -22.68 -30.15 -6.70
CA ARG A 269 -22.47 -31.56 -6.46
C ARG A 269 -22.29 -31.89 -4.99
N LYS A 270 -21.69 -30.98 -4.24
CA LYS A 270 -21.52 -31.20 -2.82
C LYS A 270 -22.83 -31.01 -2.05
N GLY A 271 -23.69 -30.12 -2.50
CA GLY A 271 -24.89 -29.82 -1.78
C GLY A 271 -24.85 -28.57 -0.96
N ILE A 272 -23.87 -27.69 -1.19
CA ILE A 272 -23.82 -26.42 -0.44
C ILE A 272 -24.99 -25.57 -0.90
N PRO A 273 -25.73 -24.92 -0.01
CA PRO A 273 -26.76 -23.98 -0.42
C PRO A 273 -26.13 -22.92 -1.34
N THR A 274 -26.72 -22.71 -2.52
CA THR A 274 -26.14 -21.91 -3.58
C THR A 274 -27.21 -20.99 -4.19
N ILE A 275 -26.82 -19.76 -4.49
CA ILE A 275 -27.57 -18.82 -5.30
C ILE A 275 -26.76 -18.52 -6.54
N LEU A 276 -27.43 -18.64 -7.69
CA LEU A 276 -26.85 -18.28 -9.00
C LEU A 276 -27.47 -16.99 -9.49
N ALA A 277 -26.66 -16.23 -10.22
CA ALA A 277 -27.19 -15.11 -10.98
C ALA A 277 -26.34 -14.94 -12.22
N PRO A 278 -26.80 -14.21 -13.19
CA PRO A 278 -26.06 -14.06 -14.46
C PRO A 278 -25.35 -12.73 -14.57
N GLY A 279 -24.66 -12.33 -13.47
CA GLY A 279 -23.80 -11.16 -13.50
C GLY A 279 -22.82 -11.22 -14.66
N ASN A 280 -22.70 -10.10 -15.38
CA ASN A 280 -21.75 -9.97 -16.49
C ASN A 280 -22.09 -10.80 -17.71
N ALA A 281 -23.27 -11.36 -17.81
CA ALA A 281 -23.66 -12.15 -18.95
C ALA A 281 -23.88 -11.32 -20.20
N ASP A 282 -23.77 -10.01 -20.09
CA ASP A 282 -23.75 -9.11 -21.24
C ASP A 282 -22.49 -9.24 -22.08
N PHE A 283 -21.43 -9.85 -21.61
CA PHE A 283 -20.25 -9.92 -22.45
C PHE A 283 -19.45 -11.22 -22.28
N ILE A 284 -18.76 -11.57 -23.38
CA ILE A 284 -17.65 -12.54 -23.47
C ILE A 284 -16.36 -11.75 -23.42
N ILE A 285 -15.34 -12.27 -22.76
CA ILE A 285 -14.06 -11.57 -22.70
C ILE A 285 -13.13 -11.97 -23.87
N GLY A 286 -12.84 -10.98 -24.74
CA GLY A 286 -11.90 -11.16 -25.82
C GLY A 286 -10.63 -10.37 -25.54
N GLY A 287 -9.66 -10.55 -26.45
CA GLY A 287 -8.38 -9.86 -26.39
C GLY A 287 -8.44 -8.44 -26.92
N PRO A 288 -7.32 -7.92 -27.40
CA PRO A 288 -7.34 -6.58 -28.00
C PRO A 288 -8.32 -6.47 -29.15
N ILE A 289 -8.78 -5.23 -29.41
CA ILE A 289 -10.01 -5.01 -30.17
C ILE A 289 -9.95 -5.65 -31.55
N ASP A 290 -8.85 -5.48 -32.26
CA ASP A 290 -8.76 -6.02 -33.60
C ASP A 290 -8.91 -7.52 -33.60
N ALA A 291 -8.18 -8.21 -32.73
CA ALA A 291 -8.28 -9.66 -32.62
C ALA A 291 -9.65 -10.09 -32.10
N ALA A 292 -10.23 -9.32 -31.20
CA ALA A 292 -11.55 -9.70 -30.67
C ALA A 292 -12.60 -9.63 -31.78
N GLU A 293 -12.51 -8.61 -32.62
CA GLU A 293 -13.47 -8.53 -33.74
C GLU A 293 -13.31 -9.68 -34.70
N ALA A 294 -12.07 -10.13 -34.91
CA ALA A 294 -11.80 -11.25 -35.79
C ALA A 294 -12.26 -12.57 -35.18
N GLN A 295 -12.08 -12.70 -33.87
CA GLN A 295 -12.53 -13.91 -33.19
C GLN A 295 -14.02 -14.00 -33.08
N PHE A 296 -14.69 -12.86 -32.93
CA PHE A 296 -16.12 -12.81 -32.59
C PHE A 296 -16.77 -11.83 -33.55
N PRO A 297 -16.82 -12.17 -34.83
CA PRO A 297 -17.29 -11.18 -35.82
C PRO A 297 -18.79 -10.94 -35.72
N GLY A 298 -19.20 -9.78 -36.22
CA GLY A 298 -20.62 -9.52 -36.33
C GLY A 298 -21.30 -9.04 -35.07
N ARG A 299 -20.53 -8.65 -34.07
CA ARG A 299 -21.07 -8.28 -32.78
C ARG A 299 -20.81 -6.81 -32.49
N ARG A 300 -21.02 -6.43 -31.25
CA ARG A 300 -20.65 -5.10 -30.76
C ARG A 300 -19.59 -5.30 -29.68
N TYR A 301 -18.78 -4.29 -29.47
CA TYR A 301 -17.60 -4.43 -28.65
C TYR A 301 -17.43 -3.19 -27.77
N HIS A 302 -16.77 -3.38 -26.64
CA HIS A 302 -16.36 -2.29 -25.77
C HIS A 302 -14.92 -2.57 -25.31
N GLN A 303 -13.99 -1.63 -25.61
CA GLN A 303 -12.58 -1.79 -25.21
C GLN A 303 -12.45 -1.43 -23.72
N HIS A 304 -12.31 -2.44 -22.88
CA HIS A 304 -12.17 -2.26 -21.44
C HIS A 304 -10.81 -1.73 -21.05
N ASN A 305 -9.77 -2.28 -21.61
CA ASN A 305 -8.42 -1.76 -21.49
C ASN A 305 -7.66 -2.23 -22.71
N PRO A 306 -6.37 -1.92 -22.87
CA PRO A 306 -5.71 -2.31 -24.14
C PRO A 306 -5.61 -3.82 -24.36
N GLN A 307 -5.66 -4.60 -23.30
CA GLN A 307 -5.58 -6.06 -23.36
C GLN A 307 -6.94 -6.75 -23.52
N LEU A 308 -8.04 -6.13 -23.10
CA LEU A 308 -9.29 -6.84 -22.94
C LEU A 308 -10.43 -6.12 -23.61
N THR A 309 -11.25 -6.87 -24.34
CA THR A 309 -12.43 -6.34 -25.02
C THR A 309 -13.66 -7.08 -24.54
N ALA A 310 -14.68 -6.34 -24.09
CA ALA A 310 -15.98 -6.92 -23.77
C ALA A 310 -16.79 -7.08 -25.04
N VAL A 311 -17.16 -8.30 -25.35
CA VAL A 311 -17.80 -8.66 -26.62
C VAL A 311 -19.25 -8.92 -26.29
N ARG A 312 -20.15 -8.09 -26.84
CA ARG A 312 -21.55 -8.15 -26.46
C ARG A 312 -22.22 -9.48 -26.83
N THR A 313 -22.95 -10.04 -25.86
CA THR A 313 -23.68 -11.27 -26.09
C THR A 313 -25.02 -10.97 -26.73
N ASN A 314 -25.62 -12.00 -27.31
CA ASN A 314 -26.95 -11.91 -27.89
C ASN A 314 -27.86 -12.97 -27.29
N VAL A 315 -29.11 -12.95 -27.75
CA VAL A 315 -30.16 -13.81 -27.22
C VAL A 315 -29.73 -15.27 -27.25
N ALA A 316 -29.22 -15.69 -28.39
CA ALA A 316 -28.86 -17.10 -28.60
C ALA A 316 -27.73 -17.50 -27.69
N ASP A 317 -26.75 -16.62 -27.49
CA ASP A 317 -25.64 -16.93 -26.59
C ASP A 317 -26.16 -17.25 -25.20
N LEU A 318 -27.10 -16.43 -24.74
CA LEU A 318 -27.55 -16.56 -23.37
C LEU A 318 -28.52 -17.69 -23.20
N ARG A 319 -29.19 -18.12 -24.26
CA ARG A 319 -29.92 -19.40 -24.16
C ARG A 319 -28.95 -20.57 -23.95
N LYS A 320 -27.78 -20.55 -24.62
CA LYS A 320 -26.77 -21.56 -24.35
C LYS A 320 -26.29 -21.51 -22.90
N LEU A 321 -26.07 -20.31 -22.37
CA LEU A 321 -25.63 -20.18 -20.99
C LEU A 321 -26.69 -20.73 -20.07
N ALA A 322 -27.95 -20.41 -20.33
CA ALA A 322 -29.03 -20.89 -19.46
C ALA A 322 -29.10 -22.42 -19.48
N ASP A 323 -29.01 -23.00 -20.67
CA ASP A 323 -29.01 -24.45 -20.81
C ASP A 323 -27.92 -25.06 -19.94
N HIS A 324 -26.74 -24.48 -20.01
CA HIS A 324 -25.59 -25.04 -19.27
C HIS A 324 -25.79 -24.91 -17.76
N LEU A 325 -26.24 -23.74 -17.31
CA LEU A 325 -26.50 -23.53 -15.89
C LEU A 325 -27.57 -24.49 -15.42
N ALA A 326 -28.62 -24.72 -16.22
CA ALA A 326 -29.68 -25.62 -15.78
C ALA A 326 -29.19 -27.03 -15.66
N ALA A 327 -28.37 -27.47 -16.61
CA ALA A 327 -27.77 -28.78 -16.49
C ALA A 327 -26.98 -28.91 -15.21
N ASN A 328 -26.16 -27.91 -14.90
CA ASN A 328 -25.43 -27.94 -13.64
C ASN A 328 -26.40 -28.05 -12.46
N VAL A 329 -27.47 -27.25 -12.48
CA VAL A 329 -28.40 -27.24 -11.33
C VAL A 329 -29.13 -28.56 -11.19
N ARG A 330 -29.37 -29.26 -12.30
CA ARG A 330 -30.04 -30.54 -12.16
C ARG A 330 -29.20 -31.57 -11.44
N GLU A 331 -27.91 -31.36 -11.30
CA GLU A 331 -26.99 -32.20 -10.53
C GLU A 331 -26.93 -31.81 -9.06
N ALA A 332 -27.59 -30.74 -8.64
CA ALA A 332 -27.39 -30.21 -7.28
C ALA A 332 -27.91 -31.18 -6.26
N LYS A 333 -27.19 -31.26 -5.13
CA LYS A 333 -27.58 -32.11 -4.01
C LYS A 333 -28.06 -31.30 -2.80
N GLY A 334 -28.13 -30.00 -2.92
CA GLY A 334 -28.64 -29.13 -1.88
C GLY A 334 -29.47 -28.01 -2.44
N PRO A 335 -29.88 -27.07 -1.61
CA PRO A 335 -30.80 -26.01 -2.06
C PRO A 335 -30.13 -25.10 -3.06
N VAL A 336 -30.87 -24.73 -4.09
CA VAL A 336 -30.42 -23.75 -5.06
C VAL A 336 -31.51 -22.72 -5.28
N ARG A 337 -31.12 -21.46 -5.43
CA ARG A 337 -32.06 -20.41 -5.93
C ARG A 337 -31.37 -19.59 -6.99
N VAL A 338 -32.16 -18.93 -7.86
CA VAL A 338 -31.64 -18.16 -8.99
C VAL A 338 -32.31 -16.79 -8.98
N PHE A 339 -31.52 -15.75 -9.21
CA PHE A 339 -32.01 -14.38 -9.35
C PHE A 339 -31.47 -13.79 -10.65
N THR A 340 -32.36 -13.15 -11.42
CA THR A 340 -31.88 -12.50 -12.63
C THR A 340 -32.42 -11.09 -12.75
N PRO A 341 -31.58 -10.13 -13.13
CA PRO A 341 -32.03 -8.73 -13.26
C PRO A 341 -32.67 -8.42 -14.60
N LEU A 342 -33.77 -7.70 -14.55
CA LEU A 342 -34.49 -7.36 -15.77
C LEU A 342 -33.96 -6.11 -16.44
N LYS A 343 -33.11 -5.32 -15.80
CA LYS A 343 -32.69 -4.06 -16.42
C LYS A 343 -31.21 -4.04 -16.82
N GLY A 344 -30.49 -5.15 -16.72
CA GLY A 344 -29.12 -5.25 -17.21
C GLY A 344 -28.25 -6.04 -16.27
N PHE A 345 -27.18 -6.64 -16.83
CA PHE A 345 -26.39 -7.64 -16.12
C PHE A 345 -25.09 -7.10 -15.49
N SER A 346 -24.72 -5.86 -15.82
CA SER A 346 -23.43 -5.34 -15.36
C SER A 346 -23.43 -3.85 -15.63
N SER A 347 -22.43 -3.18 -15.09
CA SER A 347 -22.33 -1.75 -15.35
C SER A 347 -22.06 -1.41 -16.80
N HIS A 348 -21.55 -2.35 -17.63
CA HIS A 348 -21.47 -2.08 -19.05
C HIS A 348 -22.87 -2.08 -19.68
N ASP A 349 -23.80 -2.83 -19.12
CA ASP A 349 -25.16 -3.05 -19.64
C ASP A 349 -26.14 -2.20 -18.84
N SER A 350 -25.95 -0.89 -18.94
CA SER A 350 -26.69 0.10 -18.17
C SER A 350 -26.79 1.37 -18.96
N GLU A 351 -27.63 2.30 -18.49
CA GLU A 351 -27.77 3.60 -19.13
C GLU A 351 -26.46 4.35 -19.14
N THR A 352 -25.50 4.01 -18.28
CA THR A 352 -24.19 4.66 -18.34
C THR A 352 -23.15 3.60 -18.65
N GLY A 353 -23.47 2.71 -19.59
CA GLY A 353 -22.54 1.69 -20.05
C GLY A 353 -22.59 1.54 -21.57
N HIS A 354 -21.51 1.04 -22.13
CA HIS A 354 -21.38 0.97 -23.56
C HIS A 354 -21.94 -0.28 -24.23
N LEU A 355 -22.47 -1.21 -23.48
CA LEU A 355 -23.03 -2.45 -24.01
C LEU A 355 -24.52 -2.58 -23.76
N LEU A 356 -25.21 -1.49 -23.37
CA LEU A 356 -26.60 -1.62 -23.01
C LEU A 356 -27.44 -2.29 -24.08
N ASP A 357 -28.24 -3.29 -23.66
CA ASP A 357 -29.30 -3.85 -24.54
C ASP A 357 -30.47 -4.30 -23.66
N LEU A 358 -31.43 -3.40 -23.50
CA LEU A 358 -32.52 -3.70 -22.59
C LEU A 358 -33.49 -4.68 -23.21
N SER A 359 -33.33 -5.00 -24.50
CA SER A 359 -34.22 -5.98 -25.11
C SER A 359 -33.89 -7.43 -24.77
N VAL A 360 -32.77 -7.68 -24.07
CA VAL A 360 -32.28 -9.05 -23.82
C VAL A 360 -32.73 -9.60 -22.47
N PRO A 361 -32.66 -8.86 -21.38
CA PRO A 361 -32.92 -9.51 -20.07
C PRO A 361 -34.27 -10.12 -19.90
N GLY A 362 -35.31 -9.53 -20.44
CA GLY A 362 -36.67 -10.06 -20.29
C GLY A 362 -36.85 -11.46 -20.88
N PRO A 363 -36.50 -11.60 -22.16
CA PRO A 363 -36.60 -12.93 -22.77
C PRO A 363 -35.63 -13.93 -22.19
N PHE A 364 -34.43 -13.51 -21.77
CA PHE A 364 -33.51 -14.42 -21.09
C PHE A 364 -34.09 -14.93 -19.78
N ALA A 365 -34.71 -14.04 -19.00
CA ALA A 365 -35.32 -14.49 -17.74
C ALA A 365 -36.44 -15.52 -17.97
N GLU A 366 -37.28 -15.28 -18.98
CA GLU A 366 -38.31 -16.26 -19.33
C GLU A 366 -37.69 -17.60 -19.70
N TYR A 367 -36.69 -17.59 -20.56
CA TYR A 367 -36.07 -18.85 -20.99
C TYR A 367 -35.43 -19.56 -19.80
N LEU A 368 -34.70 -18.81 -18.97
CA LEU A 368 -34.02 -19.40 -17.82
C LEU A 368 -34.99 -20.10 -16.89
N ALA A 369 -36.09 -19.47 -16.57
CA ALA A 369 -37.10 -20.14 -15.75
C ALA A 369 -37.64 -21.39 -16.43
N SER A 370 -37.74 -21.41 -17.77
CA SER A 370 -38.30 -22.56 -18.44
C SER A 370 -37.38 -23.75 -18.44
N VAL A 371 -36.07 -23.53 -18.37
CA VAL A 371 -35.15 -24.66 -18.41
C VAL A 371 -34.63 -25.07 -17.03
N MET A 372 -34.67 -24.19 -16.05
CA MET A 372 -34.35 -24.58 -14.68
C MET A 372 -35.42 -25.53 -14.15
N PRO A 373 -35.04 -26.51 -13.32
CA PRO A 373 -36.04 -27.40 -12.74
C PRO A 373 -36.95 -26.61 -11.83
N GLY A 374 -38.18 -27.13 -11.71
CA GLY A 374 -39.23 -26.37 -11.05
C GLY A 374 -38.96 -26.14 -9.56
N HIS A 375 -38.22 -27.05 -8.92
CA HIS A 375 -37.96 -26.82 -7.49
C HIS A 375 -37.01 -25.67 -7.22
N VAL A 376 -36.23 -25.22 -8.21
CA VAL A 376 -35.29 -24.11 -8.04
C VAL A 376 -36.03 -22.84 -8.41
N PRO A 377 -36.26 -21.92 -7.46
CA PRO A 377 -36.94 -20.69 -7.83
C PRO A 377 -36.05 -19.82 -8.70
N VAL A 378 -36.67 -19.18 -9.69
CA VAL A 378 -36.00 -18.22 -10.58
C VAL A 378 -36.79 -16.92 -10.42
N THR A 379 -36.19 -15.95 -9.77
CA THR A 379 -36.85 -14.66 -9.50
C THR A 379 -36.26 -13.66 -10.48
N ALA A 380 -37.12 -13.11 -11.36
CA ALA A 380 -36.79 -11.97 -12.20
C ALA A 380 -37.06 -10.69 -11.41
N VAL A 381 -36.00 -9.95 -11.09
CA VAL A 381 -36.07 -8.72 -10.29
C VAL A 381 -36.19 -7.53 -11.25
N ASP A 382 -37.13 -6.63 -11.00
CA ASP A 382 -37.35 -5.47 -11.87
C ASP A 382 -36.35 -4.38 -11.48
N ALA A 383 -35.08 -4.68 -11.73
CA ALA A 383 -33.98 -3.82 -11.38
C ALA A 383 -32.79 -4.19 -12.23
N HIS A 384 -31.77 -3.35 -12.18
CA HIS A 384 -30.44 -3.66 -12.73
C HIS A 384 -29.64 -4.48 -11.70
N PHE A 385 -28.71 -5.30 -12.18
CA PHE A 385 -27.86 -6.06 -11.28
C PHE A 385 -27.32 -5.21 -10.12
N ASN A 386 -26.87 -3.98 -10.43
CA ASN A 386 -26.18 -3.16 -9.44
C ASN A 386 -27.12 -2.27 -8.66
N ASP A 387 -28.44 -2.40 -8.85
CA ASP A 387 -29.38 -1.63 -8.06
C ASP A 387 -29.55 -2.23 -6.67
N GLU A 388 -29.76 -1.35 -5.68
CA GLU A 388 -30.04 -1.79 -4.32
C GLU A 388 -31.14 -2.83 -4.27
N ALA A 389 -32.17 -2.74 -5.14
CA ALA A 389 -33.23 -3.71 -5.07
C ALA A 389 -32.73 -5.11 -5.39
N PHE A 390 -31.73 -5.21 -6.26
CA PHE A 390 -31.24 -6.52 -6.64
C PHE A 390 -30.37 -7.09 -5.54
N SER A 391 -29.40 -6.32 -5.04
CA SER A 391 -28.60 -6.82 -3.92
C SER A 391 -29.48 -7.14 -2.72
N SER A 392 -30.47 -6.31 -2.44
CA SER A 392 -31.35 -6.61 -1.29
C SER A 392 -32.13 -7.91 -1.48
N ALA A 393 -32.57 -8.19 -2.69
CA ALA A 393 -33.24 -9.47 -2.93
C ALA A 393 -32.31 -10.65 -2.69
N VAL A 394 -31.05 -10.55 -3.18
CA VAL A 394 -30.09 -11.61 -2.94
C VAL A 394 -29.75 -11.72 -1.47
N ILE A 395 -29.60 -10.59 -0.77
CA ILE A 395 -29.26 -10.65 0.66
C ILE A 395 -30.36 -11.34 1.45
N ALA A 396 -31.61 -11.01 1.15
CA ALA A 396 -32.74 -11.61 1.90
C ALA A 396 -32.77 -13.11 1.72
N ALA A 397 -32.54 -13.58 0.49
CA ALA A 397 -32.54 -15.01 0.23
C ALA A 397 -31.35 -15.68 0.86
N ALA A 398 -30.17 -15.05 0.76
CA ALA A 398 -29.00 -15.56 1.45
C ALA A 398 -29.24 -15.76 2.93
N ARG A 399 -29.86 -14.78 3.60
CA ARG A 399 -30.13 -14.90 5.02
C ARG A 399 -31.12 -16.05 5.30
N GLU A 400 -32.15 -16.19 4.49
CA GLU A 400 -33.06 -17.32 4.66
C GLU A 400 -32.32 -18.64 4.51
N MET A 401 -31.47 -18.74 3.50
CA MET A 401 -30.77 -20.01 3.26
C MET A 401 -29.75 -20.32 4.35
N LEU A 402 -29.13 -19.28 4.94
CA LEU A 402 -28.22 -19.51 6.05
C LEU A 402 -28.97 -19.94 7.30
N ALA A 403 -30.18 -19.44 7.48
CA ALA A 403 -30.97 -19.76 8.67
C ALA A 403 -31.63 -21.12 8.57
N ALA A 404 -31.80 -21.65 7.37
CA ALA A 404 -32.53 -22.92 7.17
C ALA A 404 -31.75 -24.11 7.78
N LYS B 4 15.25 -7.22 27.74
CA LYS B 4 14.12 -7.12 26.81
C LYS B 4 14.30 -5.92 25.88
N PRO B 5 13.97 -6.11 24.62
CA PRO B 5 13.96 -4.95 23.70
C PRO B 5 12.79 -4.03 24.02
N SER B 6 12.94 -2.76 23.65
N SER B 6 12.96 -2.76 23.66
CA SER B 6 11.88 -1.77 23.80
CA SER B 6 11.94 -1.72 23.76
C SER B 6 11.27 -1.37 22.45
C SER B 6 11.27 -1.51 22.41
N VAL B 7 9.96 -1.33 22.40
CA VAL B 7 9.22 -0.92 21.21
C VAL B 7 8.51 0.42 21.47
N LEU B 8 8.74 1.38 20.58
CA LEU B 8 8.02 2.65 20.60
C LEU B 8 6.65 2.40 20.02
N PHE B 9 5.61 2.68 20.79
CA PHE B 9 4.23 2.45 20.43
C PHE B 9 3.55 3.82 20.32
N ILE B 10 3.06 4.16 19.15
CA ILE B 10 2.40 5.45 18.87
C ILE B 10 0.90 5.22 18.73
N CYS B 11 0.12 5.84 19.63
CA CYS B 11 -1.33 5.68 19.62
C CYS B 11 -1.98 6.76 20.45
N THR B 12 -2.92 7.48 19.89
CA THR B 12 -3.68 8.50 20.63
C THR B 12 -4.73 7.82 21.48
N GLN B 13 -4.80 8.21 22.72
CA GLN B 13 -5.84 7.70 23.61
C GLN B 13 -7.09 8.55 23.65
N ASP B 14 -7.13 9.75 23.03
CA ASP B 14 -8.30 10.58 23.20
C ASP B 14 -9.49 9.98 22.50
N THR B 15 -9.26 9.09 21.55
CA THR B 15 -10.31 8.37 20.86
C THR B 15 -10.03 6.90 21.11
N LYS B 16 -11.06 6.16 21.55
CA LYS B 16 -11.00 4.71 21.67
C LYS B 16 -9.72 4.27 22.41
N GLU B 17 -9.69 4.55 23.71
CA GLU B 17 -8.49 4.27 24.50
C GLU B 17 -8.23 2.77 24.63
N GLU B 18 -9.25 1.96 24.37
CA GLU B 18 -9.08 0.51 24.48
C GLU B 18 -8.17 -0.06 23.41
N GLU B 19 -8.10 0.57 22.23
CA GLU B 19 -7.13 0.10 21.23
C GLU B 19 -5.69 0.16 21.76
N ALA B 20 -5.35 1.25 22.41
CA ALA B 20 -3.99 1.35 22.94
C ALA B 20 -3.78 0.37 24.12
N ARG B 21 -4.79 0.22 24.97
CA ARG B 21 -4.66 -0.68 26.10
C ARG B 21 -4.45 -2.09 25.63
N PHE B 22 -5.26 -2.52 24.67
CA PHE B 22 -5.18 -3.89 24.20
C PHE B 22 -3.87 -4.16 23.55
N THR B 23 -3.42 -3.22 22.70
CA THR B 23 -2.22 -3.48 21.90
C THR B 23 -0.98 -3.44 22.77
N ARG B 24 -0.95 -2.55 23.76
CA ARG B 24 0.20 -2.53 24.65
C ARG B 24 0.28 -3.81 25.48
N ALA B 25 -0.85 -4.30 25.93
CA ALA B 25 -0.83 -5.58 26.65
C ALA B 25 -0.34 -6.73 25.77
N ALA B 26 -0.69 -6.70 24.48
CA ALA B 26 -0.29 -7.78 23.59
C ALA B 26 1.19 -7.69 23.30
N LEU B 27 1.73 -6.46 23.19
CA LEU B 27 3.18 -6.32 23.09
C LEU B 27 3.89 -6.86 24.31
N GLU B 28 3.42 -6.51 25.50
CA GLU B 28 4.08 -6.93 26.73
C GLU B 28 4.00 -8.44 26.88
N ALA B 29 2.87 -9.03 26.47
CA ALA B 29 2.72 -10.48 26.56
C ALA B 29 3.68 -11.20 25.64
N ALA B 30 4.07 -10.52 24.55
CA ALA B 30 5.01 -11.10 23.58
C ALA B 30 6.47 -10.79 23.91
N GLY B 31 6.75 -10.20 25.06
CA GLY B 31 8.10 -10.15 25.54
C GLY B 31 8.90 -8.91 25.24
N VAL B 32 8.27 -7.78 24.94
CA VAL B 32 8.98 -6.52 24.79
C VAL B 32 8.47 -5.52 25.81
N GLU B 33 9.30 -4.53 26.09
CA GLU B 33 8.93 -3.35 26.86
C GLU B 33 8.42 -2.30 25.91
N VAL B 34 7.50 -1.49 26.42
CA VAL B 34 6.77 -0.52 25.59
C VAL B 34 7.07 0.88 26.07
N VAL B 35 7.32 1.78 25.10
CA VAL B 35 7.42 3.21 25.34
C VAL B 35 6.29 3.80 24.51
N HIS B 36 5.20 4.18 25.19
CA HIS B 36 4.00 4.68 24.52
C HIS B 36 4.11 6.19 24.36
N LEU B 37 4.06 6.61 23.11
CA LEU B 37 4.02 8.01 22.70
C LEU B 37 2.58 8.29 22.30
N ASP B 38 1.93 9.22 22.98
CA ASP B 38 0.52 9.53 22.83
C ASP B 38 0.39 10.96 22.34
N PRO B 39 0.16 11.16 21.02
CA PRO B 39 0.07 12.53 20.47
C PRO B 39 -1.35 13.14 20.43
N SER B 40 -2.16 12.82 21.45
CA SER B 40 -3.52 13.32 21.54
C SER B 40 -3.57 14.83 21.74
N VAL B 41 -4.59 15.46 21.16
CA VAL B 41 -4.83 16.87 21.36
C VAL B 41 -6.06 17.14 22.23
N ARG B 42 -7.02 16.24 22.22
CA ARG B 42 -8.29 16.63 22.82
C ARG B 42 -8.36 16.30 24.28
N ARG B 43 -7.65 15.26 24.71
N ARG B 43 -7.66 15.24 24.71
CA ARG B 43 -7.76 14.77 26.08
CA ARG B 43 -7.78 14.77 26.08
C ARG B 43 -6.48 14.03 26.39
C ARG B 43 -6.50 14.01 26.40
N SER B 44 -6.00 14.17 27.62
CA SER B 44 -4.84 13.41 28.11
C SER B 44 -5.30 12.40 29.12
N LEU B 45 -5.19 11.10 28.76
CA LEU B 45 -5.70 10.06 29.64
C LEU B 45 -4.67 9.56 30.64
N GLY B 46 -3.38 9.80 30.41
CA GLY B 46 -2.37 9.24 31.30
C GLY B 46 -1.95 7.86 30.86
N GLY B 47 -0.94 7.32 31.55
CA GLY B 47 -0.47 5.95 31.26
C GLY B 47 0.55 5.83 30.15
N ALA B 48 0.97 6.93 29.59
CA ALA B 48 1.91 6.94 28.49
C ALA B 48 3.24 7.54 28.92
N GLU B 49 4.31 6.85 28.56
CA GLU B 49 5.67 7.35 28.79
C GLU B 49 5.89 8.74 28.24
N ILE B 50 5.52 8.95 26.97
CA ILE B 50 5.62 10.24 26.32
C ILE B 50 4.22 10.81 26.19
N SER B 51 3.85 11.67 27.12
CA SER B 51 2.52 12.20 27.23
C SER B 51 2.22 13.21 26.12
N PRO B 52 0.94 13.55 25.90
CA PRO B 52 0.63 14.56 24.88
C PRO B 52 1.33 15.87 25.17
N GLU B 53 1.40 16.25 26.47
CA GLU B 53 2.06 17.48 26.86
C GLU B 53 3.54 17.45 26.49
N MET B 54 4.19 16.31 26.69
N MET B 54 4.19 16.32 26.71
CA MET B 54 5.59 16.17 26.34
CA MET B 54 5.59 16.18 26.34
C MET B 54 5.78 16.20 24.82
C MET B 54 5.75 16.25 24.81
N VAL B 55 4.88 15.55 24.08
CA VAL B 55 4.91 15.58 22.61
C VAL B 55 4.86 17.02 22.13
N ALA B 56 3.86 17.77 22.59
CA ALA B 56 3.69 19.14 22.12
C ALA B 56 4.99 19.92 22.36
N GLN B 57 5.49 19.86 23.61
CA GLN B 57 6.61 20.74 23.98
C GLN B 57 7.89 20.35 23.27
N ALA B 58 8.08 19.05 22.95
CA ALA B 58 9.26 18.63 22.19
C ALA B 58 9.33 19.38 20.86
N GLY B 59 8.18 19.75 20.34
CA GLY B 59 8.11 20.46 19.08
C GLY B 59 8.10 21.94 19.20
N GLY B 60 8.13 22.47 20.40
CA GLY B 60 8.25 23.89 20.62
C GLY B 60 7.01 24.62 21.04
N MET B 61 5.92 23.92 21.36
CA MET B 61 4.64 24.50 21.77
C MET B 61 4.10 23.77 22.99
N THR B 62 3.48 24.50 23.89
CA THR B 62 2.80 23.78 24.94
C THR B 62 1.50 23.18 24.36
N ILE B 63 0.97 22.17 25.03
CA ILE B 63 -0.29 21.63 24.52
C ILE B 63 -1.38 22.67 24.56
N GLU B 64 -1.30 23.62 25.49
CA GLU B 64 -2.26 24.74 25.55
C GLU B 64 -2.19 25.52 24.24
N GLU B 65 -0.96 25.77 23.77
CA GLU B 65 -0.78 26.52 22.52
C GLU B 65 -1.27 25.70 21.33
N VAL B 66 -1.04 24.40 21.34
CA VAL B 66 -1.51 23.56 20.24
C VAL B 66 -3.03 23.62 20.17
N ARG B 67 -3.67 23.49 21.34
CA ARG B 67 -5.14 23.51 21.40
C ARG B 67 -5.71 24.86 21.03
N ALA B 68 -4.91 25.91 21.07
CA ALA B 68 -5.36 27.24 20.68
C ALA B 68 -5.21 27.50 19.18
N LEU B 69 -4.55 26.63 18.43
CA LEU B 69 -4.46 26.79 17.00
C LEU B 69 -5.87 26.67 16.39
N GLY B 70 -6.21 27.60 15.51
CA GLY B 70 -7.51 27.57 14.87
C GLY B 70 -7.45 26.98 13.48
N HIS B 71 -6.37 26.27 13.20
CA HIS B 71 -6.07 25.75 11.87
C HIS B 71 -5.76 24.28 12.04
N GLU B 72 -6.59 23.42 11.44
CA GLU B 72 -6.43 21.98 11.59
C GLU B 72 -5.10 21.48 11.04
N GLY B 73 -4.69 22.00 9.87
CA GLY B 73 -3.39 21.60 9.32
C GLY B 73 -2.23 21.98 10.22
N LYS B 74 -2.24 23.20 10.77
CA LYS B 74 -1.15 23.63 11.65
C LYS B 74 -1.16 22.85 12.95
N CYS B 75 -2.32 22.40 13.39
CA CYS B 75 -2.39 21.62 14.62
C CYS B 75 -1.81 20.23 14.41
N GLN B 76 -2.14 19.58 13.30
CA GLN B 76 -1.53 18.30 12.99
C GLN B 76 -0.03 18.45 12.81
N ASP B 77 0.40 19.52 12.14
CA ASP B 77 1.83 19.73 11.95
C ASP B 77 2.53 19.86 13.28
N ALA B 78 1.91 20.57 14.24
CA ALA B 78 2.55 20.73 15.54
C ALA B 78 2.73 19.42 16.27
N MET B 79 1.75 18.53 16.18
CA MET B 79 1.92 17.25 16.86
C MET B 79 2.83 16.29 16.09
N ILE B 80 2.91 16.42 14.74
CA ILE B 80 3.90 15.66 14.00
C ILE B 80 5.29 16.11 14.39
N ARG B 81 5.51 17.44 14.39
CA ARG B 81 6.80 17.95 14.76
C ARG B 81 7.15 17.49 16.15
N GLY B 82 6.18 17.57 17.08
CA GLY B 82 6.48 17.18 18.46
C GLY B 82 6.73 15.70 18.60
N ALA B 83 5.94 14.86 17.91
CA ALA B 83 6.11 13.44 18.08
C ALA B 83 7.49 13.00 17.57
N ILE B 84 7.90 13.54 16.41
CA ILE B 84 9.20 13.19 15.86
C ILE B 84 10.33 13.65 16.75
N ALA B 85 10.23 14.89 17.26
CA ALA B 85 11.24 15.42 18.17
C ALA B 85 11.33 14.55 19.41
N ALA B 86 10.18 14.24 20.02
CA ALA B 86 10.18 13.46 21.27
C ALA B 86 10.72 12.06 21.05
N ALA B 87 10.35 11.43 19.92
CA ALA B 87 10.82 10.09 19.62
C ALA B 87 12.32 10.06 19.50
N HIS B 88 12.94 11.02 18.81
CA HIS B 88 14.41 10.99 18.67
C HIS B 88 15.09 11.42 19.93
N GLU B 89 14.51 12.38 20.67
CA GLU B 89 15.13 12.75 21.94
C GLU B 89 15.19 11.53 22.87
N TRP B 90 14.11 10.72 22.88
CA TRP B 90 14.09 9.50 23.68
C TRP B 90 15.09 8.46 23.15
N ASP B 91 15.02 8.16 21.87
CA ASP B 91 15.84 7.11 21.25
C ASP B 91 17.31 7.39 21.37
N ALA B 92 17.71 8.68 21.38
CA ALA B 92 19.12 9.05 21.48
C ALA B 92 19.69 8.54 22.80
N ARG B 93 18.86 8.43 23.83
CA ARG B 93 19.30 8.01 25.15
C ARG B 93 18.91 6.60 25.49
N HIS B 94 17.86 6.09 24.86
CA HIS B 94 17.31 4.77 25.21
C HIS B 94 16.85 4.11 23.92
N PRO B 95 17.77 3.54 23.16
CA PRO B 95 17.44 3.10 21.80
C PRO B 95 16.35 2.05 21.76
N VAL B 96 15.44 2.24 20.80
CA VAL B 96 14.34 1.30 20.59
C VAL B 96 14.72 0.26 19.56
N SER B 97 14.00 -0.85 19.60
CA SER B 97 14.19 -1.96 18.69
C SER B 97 13.05 -2.18 17.71
N GLY B 98 12.07 -1.29 17.70
CA GLY B 98 10.91 -1.41 16.80
C GLY B 98 9.94 -0.27 17.09
N ILE B 99 9.07 -0.01 16.11
CA ILE B 99 8.05 1.06 16.23
C ILE B 99 6.76 0.47 15.71
N LEU B 100 5.72 0.54 16.53
CA LEU B 100 4.38 0.13 16.18
C LEU B 100 3.47 1.33 16.32
N ALA B 101 2.58 1.56 15.33
CA ALA B 101 1.59 2.63 15.42
C ALA B 101 0.21 2.12 15.12
N VAL B 102 -0.80 2.66 15.81
CA VAL B 102 -2.21 2.37 15.52
C VAL B 102 -2.88 3.70 15.31
N GLY B 103 -3.47 3.90 14.15
CA GLY B 103 -4.14 5.17 13.96
C GLY B 103 -5.09 5.18 12.77
N GLY B 104 -5.91 6.24 12.73
CA GLY B 104 -6.76 6.57 11.60
C GLY B 104 -5.96 7.32 10.54
N SER B 105 -6.65 8.16 9.77
CA SER B 105 -5.98 8.84 8.64
C SER B 105 -4.88 9.75 9.15
N MET B 106 -5.19 10.58 10.15
CA MET B 106 -4.17 11.50 10.65
C MET B 106 -3.08 10.77 11.44
N GLY B 107 -3.47 9.79 12.27
CA GLY B 107 -2.49 9.12 13.09
C GLY B 107 -1.55 8.27 12.27
N SER B 108 -2.07 7.68 11.18
CA SER B 108 -1.19 6.90 10.33
C SER B 108 -0.21 7.81 9.57
N ALA B 109 -0.67 8.97 9.13
CA ALA B 109 0.20 9.93 8.46
C ALA B 109 1.28 10.44 9.40
N LEU B 110 0.95 10.72 10.64
CA LEU B 110 1.98 11.09 11.62
C LEU B 110 2.98 9.96 11.78
N ALA B 111 2.48 8.75 11.96
CA ALA B 111 3.39 7.64 12.17
C ALA B 111 4.31 7.41 10.99
N GLY B 112 3.76 7.56 9.78
CA GLY B 112 4.57 7.39 8.57
C GLY B 112 5.75 8.36 8.54
N ALA B 113 5.45 9.63 8.78
CA ALA B 113 6.55 10.60 8.79
C ALA B 113 7.56 10.27 9.85
N LEU B 114 7.10 9.97 11.07
CA LEU B 114 8.05 9.62 12.13
C LEU B 114 8.89 8.43 11.73
N MET B 115 8.27 7.36 11.21
CA MET B 115 9.01 6.16 10.89
C MET B 115 10.02 6.36 9.79
N GLN B 116 9.75 7.25 8.84
CA GLN B 116 10.70 7.53 7.78
C GLN B 116 11.95 8.21 8.29
N SER B 117 11.95 8.74 9.51
CA SER B 117 13.07 9.44 10.04
C SER B 117 13.92 8.56 10.94
N PHE B 118 13.53 7.24 11.09
CA PHE B 118 14.32 6.26 11.79
C PHE B 118 15.04 5.38 10.80
N PRO B 119 16.15 4.78 11.25
CA PRO B 119 17.03 4.05 10.34
C PRO B 119 16.37 2.96 9.52
N TYR B 120 16.79 2.85 8.26
CA TYR B 120 16.36 1.80 7.40
C TYR B 120 16.67 0.46 8.04
N GLY B 121 15.68 -0.40 8.07
CA GLY B 121 15.91 -1.68 8.69
C GLY B 121 15.39 -1.85 10.09
N LEU B 122 15.23 -0.75 10.82
N LEU B 122 15.18 -0.76 10.81
CA LEU B 122 14.54 -0.82 12.11
CA LEU B 122 14.58 -0.84 12.14
C LEU B 122 13.11 -1.29 11.89
C LEU B 122 13.09 -1.18 12.02
N PRO B 123 12.61 -2.24 12.65
CA PRO B 123 11.24 -2.69 12.43
C PRO B 123 10.23 -1.57 12.62
N LYS B 124 9.31 -1.44 11.64
CA LYS B 124 8.32 -0.36 11.61
C LYS B 124 7.02 -0.95 11.09
N LEU B 125 5.91 -0.75 11.78
N LEU B 125 5.91 -0.74 11.78
CA LEU B 125 4.61 -1.30 11.40
CA LEU B 125 4.62 -1.29 11.36
C LEU B 125 3.52 -0.32 11.80
C LEU B 125 3.51 -0.35 11.79
N ILE B 126 2.69 0.04 10.81
CA ILE B 126 1.49 0.87 11.00
C ILE B 126 0.27 -0.01 10.87
N VAL B 127 -0.57 -0.04 11.92
CA VAL B 127 -1.91 -0.62 11.89
C VAL B 127 -2.88 0.53 11.65
N SER B 128 -3.49 0.54 10.48
N SER B 128 -3.47 0.56 10.45
CA SER B 128 -4.44 1.62 10.15
CA SER B 128 -4.43 1.63 10.15
C SER B 128 -5.89 1.20 10.41
C SER B 128 -5.86 1.20 10.45
N THR B 129 -6.68 2.17 10.84
CA THR B 129 -8.08 1.97 11.23
C THR B 129 -9.08 2.82 10.44
N MET B 130 -8.64 3.39 9.33
CA MET B 130 -9.56 4.07 8.43
C MET B 130 -10.01 3.18 7.28
N ALA B 131 -11.23 3.43 6.82
CA ALA B 131 -11.79 2.58 5.78
C ALA B 131 -11.11 2.80 4.42
N SER B 132 -10.54 3.97 4.20
CA SER B 132 -9.81 4.25 2.98
C SER B 132 -8.53 3.41 2.96
N GLY B 133 -7.77 3.53 1.90
CA GLY B 133 -6.52 2.78 1.82
C GLY B 133 -5.49 3.20 2.86
N PHE B 134 -4.37 2.45 2.91
CA PHE B 134 -3.21 2.80 3.73
C PHE B 134 -2.81 4.25 3.54
N THR B 135 -2.06 4.82 4.52
CA THR B 135 -1.47 6.14 4.32
C THR B 135 -0.38 6.02 3.26
N LYS B 136 -0.09 7.12 2.62
CA LYS B 136 0.94 7.21 1.58
C LYS B 136 2.11 8.03 2.09
N PRO B 137 3.16 7.42 2.64
CA PRO B 137 4.24 8.24 3.19
C PRO B 137 4.99 8.93 2.09
N TYR B 138 5.56 10.10 2.43
CA TYR B 138 6.16 10.97 1.40
C TYR B 138 7.27 10.24 0.63
N MET B 139 7.13 10.20 -0.67
CA MET B 139 8.04 9.57 -1.63
C MET B 139 8.21 8.08 -1.34
N GLY B 140 7.20 7.45 -0.77
CA GLY B 140 7.14 6.00 -0.77
C GLY B 140 7.06 5.34 0.59
N VAL B 141 6.69 4.06 0.59
CA VAL B 141 6.54 3.32 1.84
C VAL B 141 7.89 2.95 2.43
N LYS B 142 8.96 2.92 1.65
CA LYS B 142 10.28 2.54 2.14
C LYS B 142 10.17 1.16 2.82
N ASP B 143 10.69 1.00 4.03
CA ASP B 143 10.66 -0.24 4.78
C ASP B 143 9.53 -0.30 5.82
N ILE B 144 8.49 0.51 5.68
CA ILE B 144 7.39 0.50 6.63
C ILE B 144 6.41 -0.62 6.28
N ALA B 145 6.07 -1.48 7.24
CA ALA B 145 5.09 -2.53 7.05
C ALA B 145 3.73 -1.98 7.43
N MET B 146 2.68 -2.40 6.72
CA MET B 146 1.35 -1.85 6.94
C MET B 146 0.33 -2.97 7.05
N MET B 147 -0.56 -2.83 8.03
N MET B 147 -0.59 -2.81 8.00
CA MET B 147 -1.75 -3.68 8.19
CA MET B 147 -1.74 -3.70 8.18
C MET B 147 -2.97 -2.78 8.25
C MET B 147 -3.00 -2.89 8.44
N ASN B 148 -4.11 -3.32 7.84
CA ASN B 148 -5.41 -2.71 8.05
C ASN B 148 -6.22 -3.50 9.06
N ALA B 149 -6.78 -2.80 10.05
CA ALA B 149 -7.65 -3.48 11.03
C ALA B 149 -9.13 -3.32 10.82
N VAL B 150 -9.58 -2.62 9.78
CA VAL B 150 -10.99 -2.43 9.58
C VAL B 150 -11.58 -3.68 8.93
N THR B 151 -12.65 -4.19 9.51
CA THR B 151 -13.42 -5.29 8.94
C THR B 151 -14.90 -5.06 9.16
N ASP B 152 -15.74 -5.60 8.26
CA ASP B 152 -17.16 -5.53 8.47
C ASP B 152 -17.70 -6.79 9.14
N ILE B 153 -16.81 -7.74 9.45
CA ILE B 153 -17.28 -8.97 10.10
C ILE B 153 -17.72 -8.64 11.53
N SER B 154 -18.94 -9.01 11.88
CA SER B 154 -19.61 -8.81 13.16
C SER B 154 -20.22 -7.42 13.25
N GLY B 155 -19.94 -6.54 12.29
CA GLY B 155 -20.54 -5.23 12.32
C GLY B 155 -19.72 -4.29 11.45
N ILE B 156 -20.43 -3.39 10.72
CA ILE B 156 -19.71 -2.46 9.86
C ILE B 156 -18.68 -1.64 10.63
N ASN B 157 -17.47 -1.54 10.07
N ASN B 157 -17.49 -1.53 10.04
CA ASN B 157 -16.44 -0.69 10.62
CA ASN B 157 -16.37 -0.75 10.57
C ASN B 157 -15.94 -1.22 11.97
C ASN B 157 -16.01 -1.22 11.98
N THR B 158 -15.96 -2.54 12.15
CA THR B 158 -15.31 -3.14 13.31
C THR B 158 -13.79 -2.96 13.23
N ILE B 159 -13.18 -2.67 14.37
CA ILE B 159 -11.73 -2.56 14.43
C ILE B 159 -11.23 -3.86 15.06
N SER B 160 -10.53 -4.66 14.29
CA SER B 160 -10.28 -6.06 14.63
C SER B 160 -9.16 -6.26 15.66
N ARG B 161 -9.54 -6.88 16.78
CA ARG B 161 -8.53 -7.20 17.80
C ARG B 161 -7.65 -8.35 17.34
N ASP B 162 -8.12 -9.19 16.44
CA ASP B 162 -7.22 -10.19 15.82
C ASP B 162 -6.09 -9.53 15.04
N VAL B 163 -6.37 -8.46 14.29
CA VAL B 163 -5.28 -7.74 13.65
C VAL B 163 -4.31 -7.14 14.70
N PHE B 164 -4.84 -6.49 15.75
CA PHE B 164 -3.96 -5.88 16.73
C PHE B 164 -3.02 -6.92 17.35
N ARG B 165 -3.58 -8.09 17.71
CA ARG B 165 -2.78 -9.19 18.29
C ARG B 165 -1.72 -9.66 17.30
N ASN B 166 -2.09 -9.87 16.04
CA ASN B 166 -1.11 -10.23 15.04
C ASN B 166 -0.03 -9.15 14.89
N ALA B 167 -0.42 -7.89 14.85
CA ALA B 167 0.56 -6.81 14.77
C ALA B 167 1.50 -6.77 15.96
N ALA B 168 0.99 -6.89 17.19
CA ALA B 168 1.88 -6.94 18.37
C ALA B 168 2.87 -8.11 18.27
N ASN B 169 2.37 -9.30 17.91
CA ASN B 169 3.25 -10.45 17.82
C ASN B 169 4.27 -10.28 16.71
N ALA B 170 3.90 -9.65 15.61
CA ALA B 170 4.83 -9.36 14.53
C ALA B 170 5.94 -8.42 14.95
N VAL B 171 5.58 -7.27 15.55
CA VAL B 171 6.60 -6.28 15.91
C VAL B 171 7.47 -6.82 16.99
N ALA B 172 6.87 -7.57 17.96
CA ALA B 172 7.69 -8.16 19.01
C ALA B 172 8.70 -9.12 18.41
N GLY B 173 8.25 -9.99 17.52
CA GLY B 173 9.17 -10.89 16.83
C GLY B 173 10.28 -10.15 16.10
N MET B 174 9.92 -9.07 15.40
CA MET B 174 10.95 -8.30 14.69
C MET B 174 11.93 -7.67 15.66
N ALA B 175 11.41 -7.03 16.72
CA ALA B 175 12.26 -6.35 17.70
C ALA B 175 13.23 -7.30 18.39
N LYS B 176 12.78 -8.50 18.74
CA LYS B 176 13.65 -9.46 19.39
C LYS B 176 14.72 -9.97 18.46
N GLY B 177 14.48 -9.92 17.16
CA GLY B 177 15.45 -10.29 16.17
C GLY B 177 16.33 -9.26 15.65
N TYR B 178 16.14 -7.99 16.05
CA TYR B 178 16.82 -6.87 15.47
C TYR B 178 18.10 -6.61 16.24
N ASP B 179 19.18 -6.40 15.51
CA ASP B 179 20.51 -6.11 16.05
C ASP B 179 20.88 -4.78 15.45
N ARG B 180 20.68 -3.72 16.23
CA ARG B 180 20.88 -2.38 15.72
C ARG B 180 22.34 -2.16 15.31
N ASP B 181 23.28 -2.61 16.14
CA ASP B 181 24.71 -2.46 15.88
C ASP B 181 25.25 -3.61 15.04
N LYS B 182 24.57 -3.88 13.94
CA LYS B 182 24.94 -4.92 12.99
C LYS B 182 25.15 -4.28 11.61
N GLY B 183 25.43 -5.12 10.63
CA GLY B 183 25.55 -4.65 9.26
C GLY B 183 26.58 -3.54 9.12
N PRO B 184 26.78 -3.10 7.88
CA PRO B 184 27.72 -2.00 7.65
C PRO B 184 27.13 -0.68 8.10
N GLU B 185 27.96 0.15 8.70
CA GLU B 185 27.56 1.52 8.98
C GLU B 185 27.41 2.31 7.67
N LYS B 186 26.32 3.09 7.58
CA LYS B 186 26.00 3.80 6.35
C LYS B 186 25.99 5.27 6.69
N PRO B 187 26.82 6.10 6.08
CA PRO B 187 26.74 7.54 6.34
C PRO B 187 25.30 8.01 6.07
N LEU B 188 24.80 8.89 6.95
CA LEU B 188 23.42 9.36 6.90
C LEU B 188 23.35 10.76 6.27
N VAL B 189 22.60 10.83 5.19
CA VAL B 189 22.46 12.04 4.41
C VAL B 189 20.99 12.48 4.44
N LEU B 190 20.76 13.75 4.77
CA LEU B 190 19.42 14.29 4.93
C LEU B 190 19.11 15.32 3.84
N ILE B 191 17.94 15.22 3.20
CA ILE B 191 17.60 16.15 2.11
C ILE B 191 16.20 16.74 2.31
N THR B 192 16.07 18.04 2.02
CA THR B 192 14.73 18.66 1.94
C THR B 192 14.28 18.87 0.49
N THR B 193 12.96 18.76 0.25
CA THR B 193 12.38 18.91 -1.08
C THR B 193 10.91 19.16 -1.00
N LEU B 194 10.37 19.70 -2.09
CA LEU B 194 8.93 19.63 -2.43
C LEU B 194 8.73 18.75 -3.66
N GLY B 195 7.48 18.48 -4.01
CA GLY B 195 7.21 17.68 -5.17
C GLY B 195 7.83 18.26 -6.42
N THR B 196 8.00 19.60 -6.45
CA THR B 196 8.45 20.35 -7.62
C THR B 196 9.96 20.38 -7.75
N THR B 197 10.68 19.75 -6.83
CA THR B 197 12.12 19.53 -6.96
C THR B 197 12.49 18.05 -6.84
N GLU B 198 11.51 17.14 -6.87
CA GLU B 198 11.81 15.71 -6.72
C GLU B 198 12.61 15.16 -7.89
N THR B 199 12.51 15.73 -9.08
CA THR B 199 13.24 15.17 -10.21
C THR B 199 14.75 15.14 -9.93
N SER B 200 15.31 16.26 -9.52
CA SER B 200 16.74 16.25 -9.20
C SER B 200 17.04 15.59 -7.87
N VAL B 201 16.18 15.79 -6.87
CA VAL B 201 16.42 15.17 -5.56
C VAL B 201 16.48 13.65 -5.69
N LYS B 202 15.62 13.06 -6.52
CA LYS B 202 15.72 11.61 -6.73
C LYS B 202 17.07 11.20 -7.31
N ARG B 203 17.58 11.95 -8.30
CA ARG B 203 18.87 11.58 -8.86
C ARG B 203 19.96 11.65 -7.79
N ILE B 204 19.92 12.71 -6.97
CA ILE B 204 20.89 12.88 -5.89
C ILE B 204 20.79 11.71 -4.92
N ARG B 205 19.59 11.43 -4.46
CA ARG B 205 19.37 10.30 -3.56
C ARG B 205 19.94 9.02 -4.12
N GLN B 206 19.62 8.70 -5.37
CA GLN B 206 20.02 7.42 -5.90
C GLN B 206 21.52 7.31 -6.02
N ALA B 207 22.19 8.42 -6.37
CA ALA B 207 23.64 8.42 -6.48
C ALA B 207 24.33 8.13 -5.14
N LEU B 208 23.90 8.81 -4.11
CA LEU B 208 24.55 8.66 -2.82
C LEU B 208 24.21 7.33 -2.16
N GLU B 209 22.97 6.85 -2.36
CA GLU B 209 22.64 5.52 -1.85
C GLU B 209 23.48 4.46 -2.58
N SER B 210 23.70 4.63 -3.88
N SER B 210 23.68 4.64 -3.88
CA SER B 210 24.52 3.65 -4.57
CA SER B 210 24.52 3.73 -4.63
C SER B 210 25.96 3.65 -4.05
C SER B 210 25.93 3.65 -4.03
N ASP B 211 26.41 4.79 -3.50
CA ASP B 211 27.71 4.83 -2.83
C ASP B 211 27.73 4.13 -1.48
N GLY B 212 26.58 3.79 -0.94
CA GLY B 212 26.51 3.19 0.37
C GLY B 212 25.94 4.07 1.43
N CYS B 213 25.46 5.26 1.07
CA CYS B 213 24.86 6.11 2.08
C CYS B 213 23.44 5.69 2.35
N GLU B 214 22.94 6.05 3.52
CA GLU B 214 21.50 6.06 3.79
C GLU B 214 20.98 7.47 3.63
N VAL B 215 19.99 7.65 2.77
CA VAL B 215 19.47 8.99 2.46
C VAL B 215 18.01 9.05 2.92
N MET B 216 17.70 10.04 3.72
CA MET B 216 16.34 10.39 4.09
C MET B 216 15.93 11.68 3.39
N VAL B 217 14.72 11.71 2.88
CA VAL B 217 14.16 12.85 2.18
C VAL B 217 12.91 13.34 2.90
N PHE B 218 12.90 14.65 3.21
CA PHE B 218 11.84 15.27 3.99
C PHE B 218 11.11 16.29 3.16
N HIS B 219 9.79 16.28 3.29
CA HIS B 219 8.93 17.24 2.63
C HIS B 219 9.00 18.60 3.34
N SER B 220 9.45 19.64 2.64
CA SER B 220 9.71 20.92 3.29
C SER B 220 8.46 21.80 3.32
N SER B 221 7.41 21.22 3.88
CA SER B 221 6.09 21.87 3.87
C SER B 221 5.59 22.27 5.25
N GLY B 222 6.45 22.28 6.28
CA GLY B 222 6.08 22.71 7.60
C GLY B 222 6.57 21.79 8.72
N ALA B 223 6.69 20.47 8.45
CA ALA B 223 7.24 19.52 9.40
C ALA B 223 8.49 18.83 8.94
N GLY B 224 8.73 18.73 7.63
CA GLY B 224 9.93 18.05 7.18
C GLY B 224 11.24 18.73 7.51
N GLY B 225 11.32 20.01 7.25
CA GLY B 225 12.51 20.74 7.60
C GLY B 225 12.87 20.63 9.08
N PRO B 226 11.87 20.78 9.93
CA PRO B 226 12.12 20.55 11.37
C PRO B 226 12.57 19.16 11.71
N THR B 227 12.11 18.14 10.97
CA THR B 227 12.65 16.79 11.22
C THR B 227 14.14 16.72 10.95
N LEU B 228 14.57 17.26 9.80
CA LEU B 228 16.00 17.32 9.50
C LEU B 228 16.75 18.02 10.59
N ASP B 229 16.23 19.18 11.05
CA ASP B 229 16.92 19.97 12.05
C ASP B 229 17.05 19.17 13.34
N GLY B 230 16.01 18.40 13.69
CA GLY B 230 16.10 17.61 14.93
C GLY B 230 17.14 16.50 14.83
N LEU B 231 17.15 15.79 13.70
CA LEU B 231 18.19 14.79 13.50
C LEU B 231 19.58 15.39 13.53
N ALA B 232 19.77 16.52 12.88
CA ALA B 232 21.08 17.18 12.88
C ALA B 232 21.55 17.50 14.29
N ALA B 233 20.65 17.91 15.14
CA ALA B 233 21.05 18.22 16.51
C ALA B 233 21.27 16.98 17.39
N ASP B 234 20.49 15.90 17.22
CA ASP B 234 20.36 14.82 18.22
C ASP B 234 20.87 13.45 17.76
N LYS B 235 21.10 13.26 16.47
CA LYS B 235 21.54 11.97 15.91
C LYS B 235 22.84 12.19 15.14
N ASP B 236 23.37 11.12 14.55
CA ASP B 236 24.68 11.17 13.90
C ASP B 236 24.52 11.33 12.38
N VAL B 237 24.68 12.53 11.89
CA VAL B 237 24.40 12.85 10.50
C VAL B 237 25.71 13.19 9.79
N ALA B 238 25.90 12.62 8.61
CA ALA B 238 27.14 12.85 7.86
C ALA B 238 27.09 14.08 6.96
N LEU B 239 25.95 14.36 6.36
CA LEU B 239 25.79 15.41 5.37
C LEU B 239 24.37 15.88 5.35
N VAL B 240 24.19 17.21 5.29
CA VAL B 240 22.87 17.81 5.10
C VAL B 240 22.85 18.47 3.74
N LEU B 241 21.84 18.13 2.96
CA LEU B 241 21.58 18.76 1.68
C LEU B 241 20.24 19.50 1.82
N ASP B 242 20.36 20.73 2.30
CA ASP B 242 19.19 21.52 2.59
C ASP B 242 18.85 22.24 1.29
N LEU B 243 18.23 21.52 0.39
CA LEU B 243 18.05 22.00 -0.99
C LEU B 243 16.73 22.71 -1.21
N SER B 244 15.84 22.75 -0.22
CA SER B 244 14.54 23.39 -0.37
C SER B 244 14.18 24.20 0.86
N PRO B 245 14.49 25.47 0.84
CA PRO B 245 14.22 26.35 1.99
C PRO B 245 12.84 26.97 2.08
N THR B 246 11.85 26.23 1.54
CA THR B 246 10.46 26.64 1.58
C THR B 246 10.03 27.15 2.95
N GLU B 247 10.42 26.43 4.00
CA GLU B 247 9.94 26.80 5.34
C GLU B 247 10.56 28.12 5.79
N ILE B 248 11.76 28.43 5.34
CA ILE B 248 12.39 29.73 5.65
C ILE B 248 11.72 30.84 4.85
N LEU B 249 11.50 30.59 3.56
CA LEU B 249 10.88 31.63 2.73
C LEU B 249 9.47 31.92 3.20
N ASP B 250 8.71 30.88 3.52
CA ASP B 250 7.40 31.13 4.08
C ASP B 250 7.49 31.79 5.45
N HIS B 251 8.51 31.48 6.26
CA HIS B 251 8.66 32.23 7.51
C HIS B 251 8.83 33.72 7.24
N LEU B 252 9.64 34.05 6.24
CA LEU B 252 9.91 35.45 5.93
C LEU B 252 8.68 36.20 5.45
N PHE B 253 7.77 35.53 4.76
CA PHE B 253 6.62 36.21 4.19
C PHE B 253 5.24 35.74 4.65
N GLY B 254 5.16 34.96 5.72
CA GLY B 254 3.84 34.60 6.22
C GLY B 254 3.16 33.49 5.46
N GLY B 255 3.93 32.58 4.83
CA GLY B 255 3.34 31.50 4.09
C GLY B 255 2.98 30.35 4.99
N LEU B 256 2.36 29.35 4.39
CA LEU B 256 1.74 28.29 5.19
C LEU B 256 2.74 27.28 5.69
N ALA B 257 3.96 27.22 5.13
CA ALA B 257 4.95 26.28 5.60
C ALA B 257 5.84 26.85 6.70
N ASP B 258 5.51 28.03 7.25
CA ASP B 258 6.29 28.64 8.32
C ASP B 258 6.47 27.67 9.47
N ALA B 259 7.73 27.40 9.79
CA ALA B 259 8.04 26.55 10.94
C ALA B 259 8.89 27.29 11.95
N GLY B 260 8.90 28.63 11.89
CA GLY B 260 9.62 29.39 12.89
C GLY B 260 10.96 29.84 12.39
N PRO B 261 11.64 30.65 13.21
CA PRO B 261 12.88 31.29 12.76
C PRO B 261 14.13 30.42 12.73
N ASP B 262 14.14 29.29 13.43
CA ASP B 262 15.35 28.48 13.54
C ASP B 262 15.48 27.41 12.48
N ARG B 263 14.48 27.28 11.61
CA ARG B 263 14.60 26.37 10.49
C ARG B 263 15.95 26.49 9.76
N GLY B 264 16.64 25.36 9.64
CA GLY B 264 17.87 25.25 8.88
C GLY B 264 19.12 25.62 9.62
N ARG B 265 19.01 26.07 10.87
CA ARG B 265 20.20 26.43 11.65
C ARG B 265 20.88 25.28 12.34
N ALA B 266 20.17 24.18 12.63
CA ALA B 266 20.74 23.18 13.52
C ALA B 266 21.99 22.53 12.95
N ALA B 267 21.95 22.18 11.67
CA ALA B 267 23.07 21.46 11.08
C ALA B 267 24.30 22.35 11.07
N LEU B 268 24.08 23.64 10.87
CA LEU B 268 25.18 24.61 10.84
C LEU B 268 25.80 24.80 12.22
N ARG B 269 24.95 24.92 13.22
CA ARG B 269 25.47 25.03 14.58
C ARG B 269 26.19 23.78 15.05
N LYS B 270 25.76 22.58 14.62
CA LYS B 270 26.43 21.34 14.95
C LYS B 270 27.70 21.15 14.16
N GLY B 271 27.87 21.87 13.07
CA GLY B 271 29.05 21.72 12.25
C GLY B 271 29.03 20.57 11.29
N ILE B 272 27.85 20.07 10.97
CA ILE B 272 27.68 19.03 9.95
C ILE B 272 27.96 19.63 8.59
N PRO B 273 28.70 18.95 7.72
CA PRO B 273 28.88 19.44 6.34
C PRO B 273 27.53 19.64 5.68
N THR B 274 27.31 20.82 5.11
CA THR B 274 26.02 21.21 4.61
C THR B 274 26.14 21.80 3.22
N ILE B 275 25.22 21.40 2.30
CA ILE B 275 25.02 22.08 1.03
C ILE B 275 23.68 22.75 1.08
N LEU B 276 23.62 24.03 0.71
CA LEU B 276 22.37 24.76 0.57
C LEU B 276 22.05 25.01 -0.89
N ALA B 277 20.76 24.96 -1.23
CA ALA B 277 20.31 25.39 -2.54
C ALA B 277 18.95 26.03 -2.39
N PRO B 278 18.51 26.82 -3.38
CA PRO B 278 17.22 27.54 -3.26
C PRO B 278 16.13 26.84 -4.03
N GLY B 279 16.03 25.52 -3.94
CA GLY B 279 14.91 24.86 -4.60
C GLY B 279 13.59 25.46 -4.12
N ASN B 280 12.65 25.56 -5.05
CA ASN B 280 11.34 26.13 -4.82
C ASN B 280 11.28 27.58 -4.41
N ALA B 281 12.36 28.32 -4.60
CA ALA B 281 12.36 29.72 -4.23
C ALA B 281 11.55 30.54 -5.19
N ASP B 282 11.00 29.90 -6.24
CA ASP B 282 10.11 30.59 -7.16
C ASP B 282 8.74 30.84 -6.56
N PHE B 283 8.38 30.23 -5.42
CA PHE B 283 7.08 30.54 -4.87
C PHE B 283 7.05 30.54 -3.34
N ILE B 284 6.13 31.37 -2.81
CA ILE B 284 5.65 31.31 -1.41
C ILE B 284 4.38 30.49 -1.38
N ILE B 285 4.15 29.71 -0.33
CA ILE B 285 2.94 28.90 -0.23
C ILE B 285 1.85 29.70 0.47
N GLY B 286 0.81 30.06 -0.29
CA GLY B 286 -0.36 30.70 0.29
C GLY B 286 -1.52 29.73 0.41
N GLY B 287 -2.63 30.26 0.97
CA GLY B 287 -3.82 29.45 1.16
C GLY B 287 -4.64 29.35 -0.10
N PRO B 288 -5.94 29.12 0.06
CA PRO B 288 -6.83 29.11 -1.10
C PRO B 288 -6.71 30.39 -1.91
N ILE B 289 -7.03 30.29 -3.20
CA ILE B 289 -6.64 31.33 -4.14
C ILE B 289 -7.16 32.70 -3.71
N ASP B 290 -8.41 32.79 -3.24
CA ASP B 290 -8.92 34.10 -2.85
C ASP B 290 -8.14 34.69 -1.69
N ALA B 291 -7.77 33.86 -0.70
CA ALA B 291 -6.97 34.33 0.40
C ALA B 291 -5.54 34.67 -0.05
N ALA B 292 -4.96 33.83 -0.90
CA ALA B 292 -3.59 34.06 -1.35
C ALA B 292 -3.47 35.35 -2.13
N GLU B 293 -4.43 35.61 -3.01
CA GLU B 293 -4.42 36.83 -3.78
C GLU B 293 -4.59 38.04 -2.86
N ALA B 294 -5.45 37.90 -1.84
CA ALA B 294 -5.63 39.01 -0.89
C ALA B 294 -4.38 39.24 -0.07
N GLN B 295 -3.68 38.17 0.29
CA GLN B 295 -2.46 38.32 1.10
C GLN B 295 -1.29 38.81 0.27
N PHE B 296 -1.22 38.41 -1.00
CA PHE B 296 -0.10 38.73 -1.90
C PHE B 296 -0.63 39.32 -3.20
N PRO B 297 -1.15 40.55 -3.17
CA PRO B 297 -1.75 41.12 -4.38
C PRO B 297 -0.73 41.44 -5.47
N GLY B 298 -1.23 41.46 -6.71
CA GLY B 298 -0.42 41.87 -7.81
C GLY B 298 0.58 40.88 -8.36
N ARG B 299 0.41 39.60 -8.11
CA ARG B 299 1.39 38.56 -8.45
C ARG B 299 0.72 37.52 -9.33
N ARG B 300 1.54 36.62 -9.88
CA ARG B 300 1.07 35.42 -10.53
C ARG B 300 0.90 34.29 -9.52
N TYR B 301 -0.15 33.49 -9.72
CA TYR B 301 -0.56 32.43 -8.81
C TYR B 301 -0.70 31.15 -9.59
N HIS B 302 -0.42 30.05 -8.92
CA HIS B 302 -0.70 28.70 -9.41
C HIS B 302 -1.46 27.94 -8.35
N GLN B 303 -2.64 27.47 -8.69
CA GLN B 303 -3.48 26.74 -7.73
C GLN B 303 -2.98 25.30 -7.71
N HIS B 304 -2.23 24.96 -6.67
CA HIS B 304 -1.69 23.62 -6.51
C HIS B 304 -2.78 22.62 -6.18
N ASN B 305 -3.60 22.93 -5.18
CA ASN B 305 -4.79 22.19 -4.83
C ASN B 305 -5.78 23.18 -4.23
N PRO B 306 -6.96 22.75 -3.80
CA PRO B 306 -7.93 23.72 -3.23
C PRO B 306 -7.42 24.46 -1.99
N GLN B 307 -6.46 23.89 -1.27
CA GLN B 307 -6.02 24.49 -0.01
C GLN B 307 -4.77 25.36 -0.16
N LEU B 308 -3.99 25.17 -1.22
CA LEU B 308 -2.64 25.71 -1.31
C LEU B 308 -2.41 26.35 -2.67
N THR B 309 -1.87 27.57 -2.67
CA THR B 309 -1.60 28.34 -3.88
C THR B 309 -0.14 28.73 -3.88
N ALA B 310 0.59 28.37 -4.95
CA ALA B 310 1.95 28.86 -5.14
C ALA B 310 1.90 30.32 -5.58
N VAL B 311 2.60 31.20 -4.87
CA VAL B 311 2.61 32.62 -5.15
C VAL B 311 3.98 32.96 -5.71
N ARG B 312 4.03 33.50 -6.92
CA ARG B 312 5.31 33.80 -7.55
C ARG B 312 6.13 34.83 -6.80
N THR B 313 7.43 34.50 -6.60
CA THR B 313 8.38 35.42 -5.97
C THR B 313 9.03 36.37 -6.99
N ASN B 314 9.61 37.44 -6.45
CA ASN B 314 10.35 38.39 -7.27
C ASN B 314 11.76 38.59 -6.68
N VAL B 315 12.56 39.46 -7.34
CA VAL B 315 13.94 39.62 -6.91
C VAL B 315 14.00 40.20 -5.49
N ALA B 316 13.16 41.20 -5.19
CA ALA B 316 13.13 41.78 -3.85
C ALA B 316 12.84 40.73 -2.80
N ASP B 317 11.90 39.83 -3.08
CA ASP B 317 11.62 38.78 -2.10
C ASP B 317 12.89 37.95 -1.83
N LEU B 318 13.58 37.58 -2.90
CA LEU B 318 14.66 36.61 -2.77
C LEU B 318 15.94 37.27 -2.22
N ARG B 319 16.03 38.59 -2.23
CA ARG B 319 17.15 39.25 -1.55
C ARG B 319 17.00 39.09 -0.05
N LYS B 320 15.76 39.10 0.46
CA LYS B 320 15.52 38.82 1.88
C LYS B 320 15.86 37.37 2.24
N LEU B 321 15.56 36.43 1.35
CA LEU B 321 15.95 35.04 1.58
C LEU B 321 17.47 34.93 1.60
N ALA B 322 18.15 35.55 0.63
CA ALA B 322 19.59 35.51 0.58
C ALA B 322 20.19 36.04 1.86
N ASP B 323 19.69 37.19 2.34
CA ASP B 323 20.20 37.78 3.58
C ASP B 323 20.06 36.84 4.77
N HIS B 324 18.91 36.18 4.86
CA HIS B 324 18.65 35.27 5.94
C HIS B 324 19.58 34.05 5.89
N LEU B 325 19.73 33.46 4.71
CA LEU B 325 20.63 32.33 4.55
C LEU B 325 22.07 32.72 4.83
N ALA B 326 22.49 33.90 4.41
CA ALA B 326 23.87 34.32 4.67
C ALA B 326 24.08 34.47 6.16
N ALA B 327 23.11 35.02 6.86
CA ALA B 327 23.25 35.13 8.31
C ALA B 327 23.32 33.75 8.97
N ASN B 328 22.48 32.81 8.51
CA ASN B 328 22.56 31.45 9.03
C ASN B 328 23.97 30.88 8.81
N VAL B 329 24.52 31.07 7.61
CA VAL B 329 25.80 30.46 7.27
C VAL B 329 26.92 31.08 8.06
N ARG B 330 26.80 32.34 8.43
CA ARG B 330 27.88 32.97 9.21
C ARG B 330 27.98 32.37 10.60
N GLU B 331 26.92 31.71 11.08
CA GLU B 331 26.98 31.01 12.35
C GLU B 331 27.53 29.58 12.25
N ALA B 332 27.79 29.08 11.04
CA ALA B 332 28.10 27.67 10.90
C ALA B 332 29.41 27.33 11.54
N LYS B 333 29.47 26.15 12.15
CA LYS B 333 30.69 25.65 12.79
C LYS B 333 31.37 24.57 11.98
N GLY B 334 30.90 24.31 10.79
CA GLY B 334 31.50 23.33 9.90
C GLY B 334 31.41 23.81 8.47
N PRO B 335 31.77 22.93 7.51
CA PRO B 335 31.87 23.38 6.10
C PRO B 335 30.50 23.55 5.45
N VAL B 336 30.43 24.57 4.56
CA VAL B 336 29.21 24.88 3.83
C VAL B 336 29.51 25.14 2.37
N ARG B 337 28.68 24.59 1.46
CA ARG B 337 28.70 24.99 0.05
C ARG B 337 27.32 25.40 -0.38
N VAL B 338 27.21 26.28 -1.37
CA VAL B 338 25.93 26.75 -1.85
C VAL B 338 25.90 26.60 -3.36
N PHE B 339 24.79 26.05 -3.86
CA PHE B 339 24.60 25.88 -5.31
C PHE B 339 23.29 26.52 -5.71
N THR B 340 23.32 27.26 -6.83
CA THR B 340 22.06 27.94 -7.20
C THR B 340 21.86 27.84 -8.72
N PRO B 341 20.67 27.45 -9.18
CA PRO B 341 20.44 27.26 -10.63
C PRO B 341 20.06 28.57 -11.31
N LEU B 342 20.63 28.76 -12.46
CA LEU B 342 20.38 29.97 -13.22
C LEU B 342 19.13 29.92 -14.11
N LYS B 343 18.56 28.74 -14.37
CA LYS B 343 17.45 28.64 -15.30
C LYS B 343 16.13 28.22 -14.67
N GLY B 344 16.01 28.25 -13.36
CA GLY B 344 14.71 28.09 -12.70
C GLY B 344 14.85 27.23 -11.46
N PHE B 345 13.92 27.40 -10.50
CA PHE B 345 14.10 26.85 -9.16
C PHE B 345 13.25 25.61 -8.90
N SER B 346 12.30 25.30 -9.77
CA SER B 346 11.34 24.22 -9.55
C SER B 346 10.59 23.93 -10.83
N SER B 347 9.83 22.84 -10.82
CA SER B 347 9.06 22.54 -12.03
C SER B 347 7.97 23.56 -12.30
N HIS B 348 7.52 24.32 -11.30
CA HIS B 348 6.59 25.44 -11.62
C HIS B 348 7.30 26.52 -12.42
N ASP B 349 8.57 26.73 -12.13
CA ASP B 349 9.41 27.78 -12.73
C ASP B 349 10.22 27.17 -13.87
N SER B 350 9.49 26.72 -14.88
CA SER B 350 10.08 25.92 -15.95
C SER B 350 9.28 26.08 -17.21
N GLU B 351 9.84 25.55 -18.31
CA GLU B 351 9.14 25.67 -19.57
C GLU B 351 7.83 24.90 -19.64
N THR B 352 7.59 23.98 -18.70
CA THR B 352 6.31 23.28 -18.64
C THR B 352 5.42 23.77 -17.51
N GLY B 353 5.91 24.70 -16.68
CA GLY B 353 5.21 25.13 -15.49
C GLY B 353 4.44 26.42 -15.69
N HIS B 354 3.76 26.85 -14.65
CA HIS B 354 2.89 28.00 -14.71
C HIS B 354 3.47 29.26 -14.09
N LEU B 355 4.68 29.18 -13.53
CA LEU B 355 5.28 30.31 -12.80
C LEU B 355 6.66 30.67 -13.36
N LEU B 356 6.95 30.35 -14.64
CA LEU B 356 8.30 30.64 -15.15
C LEU B 356 8.58 32.14 -15.10
N ASP B 357 9.75 32.52 -14.55
CA ASP B 357 10.23 33.92 -14.66
C ASP B 357 11.74 33.86 -14.66
N LEU B 358 12.30 33.87 -15.85
CA LEU B 358 13.75 33.74 -16.01
C LEU B 358 14.51 35.01 -15.69
N SER B 359 13.83 36.10 -15.33
CA SER B 359 14.53 37.32 -14.95
C SER B 359 15.06 37.26 -13.51
N VAL B 360 14.60 36.29 -12.72
CA VAL B 360 14.90 36.30 -11.29
C VAL B 360 16.14 35.50 -10.91
N PRO B 361 16.47 34.37 -11.56
CA PRO B 361 17.60 33.59 -11.02
C PRO B 361 18.96 34.28 -11.11
N GLY B 362 19.19 35.06 -12.12
CA GLY B 362 20.47 35.68 -12.30
C GLY B 362 20.81 36.67 -11.23
N PRO B 363 19.91 37.64 -11.02
CA PRO B 363 20.16 38.63 -9.96
C PRO B 363 20.23 37.98 -8.59
N PHE B 364 19.43 36.94 -8.38
CA PHE B 364 19.48 36.26 -7.10
C PHE B 364 20.86 35.66 -6.90
N ALA B 365 21.39 34.98 -7.93
CA ALA B 365 22.68 34.29 -7.76
C ALA B 365 23.80 35.29 -7.50
N GLU B 366 23.73 36.43 -8.17
CA GLU B 366 24.79 37.44 -8.01
C GLU B 366 24.73 38.02 -6.61
N TYR B 367 23.51 38.31 -6.12
CA TYR B 367 23.35 38.88 -4.78
C TYR B 367 23.75 37.86 -3.68
N LEU B 368 23.33 36.61 -3.84
CA LEU B 368 23.65 35.56 -2.88
C LEU B 368 25.13 35.41 -2.77
N ALA B 369 25.84 35.42 -3.90
CA ALA B 369 27.30 35.35 -3.83
C ALA B 369 27.89 36.57 -3.10
N SER B 370 27.27 37.74 -3.26
CA SER B 370 27.83 38.95 -2.64
C SER B 370 27.64 38.95 -1.13
N VAL B 371 26.60 38.34 -0.60
CA VAL B 371 26.31 38.41 0.84
C VAL B 371 26.89 37.22 1.59
N MET B 372 27.23 36.14 0.91
CA MET B 372 27.80 34.99 1.59
C MET B 372 29.23 35.34 2.00
N PRO B 373 29.71 34.77 3.12
CA PRO B 373 31.07 35.05 3.56
C PRO B 373 32.09 34.38 2.67
N GLY B 374 33.33 34.84 2.79
CA GLY B 374 34.39 34.42 1.89
C GLY B 374 34.66 32.93 1.90
N HIS B 375 34.45 32.26 3.04
CA HIS B 375 34.71 30.84 3.16
C HIS B 375 33.56 29.99 2.70
N VAL B 376 32.51 30.62 2.17
CA VAL B 376 31.39 29.86 1.64
C VAL B 376 31.18 30.24 0.19
N PRO B 377 31.72 29.45 -0.72
CA PRO B 377 31.58 29.80 -2.15
C PRO B 377 30.18 29.46 -2.63
N VAL B 378 29.69 30.31 -3.52
CA VAL B 378 28.42 30.12 -4.20
C VAL B 378 28.74 29.72 -5.63
N THR B 379 28.19 28.58 -6.06
CA THR B 379 28.34 28.08 -7.41
C THR B 379 27.03 28.28 -8.13
N ALA B 380 27.05 29.10 -9.18
CA ALA B 380 25.90 29.32 -10.05
C ALA B 380 25.99 28.35 -11.22
N VAL B 381 25.02 27.45 -11.30
CA VAL B 381 25.03 26.41 -12.34
C VAL B 381 24.12 26.85 -13.46
N ASP B 382 24.63 26.82 -14.69
CA ASP B 382 23.87 27.28 -15.84
C ASP B 382 22.91 26.18 -16.28
N ALA B 383 21.86 25.99 -15.47
CA ALA B 383 20.92 24.90 -15.63
C ALA B 383 19.70 25.20 -14.76
N HIS B 384 18.61 24.47 -15.02
CA HIS B 384 17.44 24.43 -14.16
C HIS B 384 17.73 23.51 -12.99
N PHE B 385 17.03 23.76 -11.87
CA PHE B 385 17.19 22.90 -10.72
C PHE B 385 17.05 21.42 -11.07
N ASN B 386 16.06 21.08 -11.88
CA ASN B 386 15.74 19.71 -12.17
C ASN B 386 16.49 19.15 -13.34
N ASP B 387 17.45 19.89 -13.91
CA ASP B 387 18.31 19.40 -14.98
C ASP B 387 19.38 18.46 -14.41
N GLU B 388 19.74 17.46 -15.21
CA GLU B 388 20.81 16.57 -14.79
C GLU B 388 22.08 17.33 -14.46
N ALA B 389 22.35 18.43 -15.17
CA ALA B 389 23.55 19.21 -14.84
C ALA B 389 23.52 19.73 -13.42
N PHE B 390 22.36 20.10 -12.90
CA PHE B 390 22.31 20.60 -11.55
C PHE B 390 22.45 19.47 -10.53
N SER B 391 21.71 18.37 -10.69
CA SER B 391 21.89 17.27 -9.74
C SER B 391 23.31 16.74 -9.81
N SER B 392 23.92 16.74 -11.00
CA SER B 392 25.27 16.20 -11.08
C SER B 392 26.25 17.09 -10.34
N ALA B 393 26.03 18.40 -10.38
CA ALA B 393 26.93 19.30 -9.65
C ALA B 393 26.83 19.09 -8.15
N VAL B 394 25.59 18.92 -7.65
CA VAL B 394 25.37 18.71 -6.23
C VAL B 394 25.95 17.35 -5.81
N ILE B 395 25.76 16.33 -6.64
CA ILE B 395 26.29 15.01 -6.33
C ILE B 395 27.81 15.07 -6.20
N ALA B 396 28.47 15.73 -7.16
CA ALA B 396 29.93 15.75 -7.13
C ALA B 396 30.41 16.41 -5.85
N ALA B 397 29.75 17.53 -5.47
CA ALA B 397 30.12 18.23 -4.25
C ALA B 397 29.87 17.37 -3.00
N ALA B 398 28.69 16.74 -2.94
CA ALA B 398 28.38 15.83 -1.84
C ALA B 398 29.44 14.75 -1.74
N ARG B 399 29.85 14.18 -2.85
CA ARG B 399 30.85 13.10 -2.79
C ARG B 399 32.18 13.61 -2.25
N GLU B 400 32.57 14.85 -2.61
CA GLU B 400 33.82 15.43 -2.09
C GLU B 400 33.73 15.61 -0.59
N MET B 401 32.58 16.12 -0.12
CA MET B 401 32.39 16.35 1.33
C MET B 401 32.32 15.03 2.11
N LEU B 402 31.78 13.96 1.51
CA LEU B 402 31.75 12.66 2.15
C LEU B 402 33.07 11.91 2.07
N ALA B 403 33.98 12.34 1.21
CA ALA B 403 35.29 11.70 1.08
C ALA B 403 36.27 12.31 2.07
N ALA B 404 35.94 13.46 2.66
CA ALA B 404 36.84 14.08 3.62
C ALA B 404 37.18 13.09 4.72
N LYS B 405 38.44 13.07 5.11
CA LYS B 405 38.94 12.18 6.16
C LYS B 405 38.91 12.89 7.51
N ASN B 406 38.84 12.09 8.58
CA ASN B 406 38.94 12.65 9.92
C ASN B 406 40.37 13.09 10.21
CAA I75 C . -10.98 -9.29 -16.33
CAB I75 C . -13.52 -7.28 -20.23
OAC I75 C . -15.00 -5.51 -19.59
OAD I75 C . -13.30 -7.09 -13.74
CAE I75 C . -14.46 -6.04 -15.44
CAF I75 C . -14.66 -5.88 -16.85
CAG I75 C . -12.98 -7.52 -17.35
OAH I75 C . -11.84 -8.54 -15.44
CAI I75 C . -14.21 -6.41 -19.23
CAJ I75 C . -13.48 -6.94 -15.06
CAK I75 C . -13.96 -6.60 -17.79
CAL I75 C . -12.77 -7.67 -16.02
HAA I75 C . -10.47 -8.71 -16.92
HAAA I75 C . -11.49 -9.89 -16.91
HAAB I75 C . -10.34 -9.84 -15.85
HAB I75 C . -13.79 -7.03 -21.12
HABA I75 C . -13.76 -8.20 -20.08
HABB I75 C . -12.56 -7.19 -20.15
HAE I75 C . -14.96 -5.57 -14.82
HAF I75 C . -15.31 -5.27 -17.11
HAG I75 C . -12.49 -8.01 -17.97
C1 CIT D . 7.43 -11.11 -10.80
O1 CIT D . 7.09 -11.75 -9.79
O2 CIT D . 6.75 -10.18 -11.29
C2 CIT D . 8.80 -11.47 -11.47
C3 CIT D . 10.04 -10.96 -10.67
O7 CIT D . 9.97 -9.54 -10.58
C4 CIT D . 10.17 -11.55 -9.25
C5 CIT D . 9.53 -12.96 -9.01
O3 CIT D . 9.93 -13.89 -9.78
O4 CIT D . 8.63 -13.09 -8.05
C6 CIT D . 11.34 -11.34 -11.47
O5 CIT D . 11.36 -12.44 -12.08
O6 CIT D . 12.29 -10.50 -11.41
H21 CIT D . 8.83 -11.10 -12.36
H22 CIT D . 8.87 -12.44 -11.55
H41 CIT D . 9.79 -10.93 -8.62
H42 CIT D . 11.11 -11.61 -9.03
CAA I75 E . 2.88 21.24 0.15
CAB I75 E . 2.04 24.92 -3.18
OAC I75 E . 2.80 24.39 -5.37
OAD I75 E . 5.23 19.23 -2.57
CAE I75 E . 4.79 20.84 -4.27
CAF I75 E . 4.20 22.06 -4.64
CAG I75 E . 3.28 22.37 -2.42
OAH I75 E . 3.81 20.64 -0.80
CAI I75 E . 2.80 24.09 -4.19
CAJ I75 E . 4.65 20.40 -2.95
CAK I75 E . 3.46 22.83 -3.75
CAL I75 E . 3.87 21.18 -2.06
HAA I75 E . 1.99 21.34 -0.24
HAAA I75 E . 3.18 22.13 0.41
HAAB I75 E . 2.80 20.72 0.95
HAB I75 E . 1.63 25.69 -3.61
HABA I75 E . 2.65 25.25 -2.49
HABB I75 E . 1.35 24.39 -2.75
HAE I75 E . 5.26 20.32 -4.88
HAF I75 E . 4.32 22.35 -5.52
HAG I75 E . 2.77 22.87 -1.82
C1 CIT F . -9.32 8.58 14.15
O1 CIT F . -10.32 8.64 13.42
O2 CIT F . -8.79 7.50 14.56
C2 CIT F . -8.67 9.92 14.56
C3 CIT F . -7.23 9.91 15.08
O7 CIT F . -7.21 9.31 16.37
C4 CIT F . -6.68 11.37 15.11
C5 CIT F . -5.25 11.53 15.64
O3 CIT F . -4.90 12.61 16.21
O4 CIT F . -4.52 10.52 15.53
C6 CIT F . -6.31 9.04 14.15
O5 CIT F . -5.61 8.07 14.71
O6 CIT F . -6.31 9.41 13.00
H21 CIT F . -9.23 10.33 15.25
H22 CIT F . -8.70 10.51 13.79
H41 CIT F . -7.28 11.92 15.64
H42 CIT F . -6.71 11.73 14.20
NA NA G . -4.71 8.39 16.61
NA NA H . -7.29 6.73 16.15
NA NA I . -6.80 3.97 22.05
#